data_1SQY
#
_entry.id   1SQY
#
_cell.length_a   56.156
_cell.length_b   98.090
_cell.length_c   157.036
_cell.angle_alpha   90.00
_cell.angle_beta   90.00
_cell.angle_gamma   90.00
#
_symmetry.space_group_name_H-M   'P 21 21 21'
#
loop_
_entity.id
_entity.type
_entity.pdbx_description
1 polymer lactoferrin
2 branched 2-acetamido-2-deoxy-beta-D-glucopyranose-(1-4)-2-acetamido-2-deoxy-beta-D-glucopyranose
3 non-polymer 'FE (III) ION'
4 non-polymer 'CARBONATE ION'
5 water water
#
_entity_poly.entity_id   1
_entity_poly.type   'polypeptide(L)'
_entity_poly.pdbx_seq_one_letter_code
;GRRRSVQWCTVSNPEATKCFQWQRNMRRVRGPPVSCVKRDSPTQCIQAIAENRADAVTLDGGFIYEAGLAPYKLRPVAAE
VYGTERQPRTHYYAVAVVKKGGSFQLNELQGLKSCHTGLRRTAGWNVPIGTLRPFLNWTGPPEPIEAAVARFFSASCVPG
ADKGQFPNLCRLCAGTGENKCAFSSQEPYFSYSGAFKCLRDGAGDVAFIRESTVFEDLSDEAERDEYELLCPDNTRKPVD
KFKDCHLARVPSHAVVARSVNGKEDAIWNLLRQAQEKFGKDKSPAFQLFGSPSGQKDLLFKDSAIGFSRVPPRIDSGLYL
GSGYFTAIQNLRKSEEEVAARRARVVWCAVGEQELRKCNQWSGLSEGSVTCSSASTTEDCIALVLKGEADAMSLDGGYVY
TAGKCGLVPVLAENYKSQQSSDPDPNCVDRPVEGYLAVAVVRRSDTSLTWNSVKGKKSCHTAVDRTAGWNIPMGLLFNQT
GSCKFDEYFSQSCAPGRDPRSNLCALCIGDEQGENKCVPNSNERYYGYTGAFRCLAENAGDVAFVKDVTVLQNTDGNNNE
AWAKDLKLADFALLCLDGKRKPVTEARSCHLAMAPNHAVVSRMDKVERLKQVLLHQQAKFGRNGSDCPDKFCLFQSETKN
LLFNDNTECLARLHGKTTYEKYLGPQYVAGITNLKKCSTSPLLEACEFLRK
;
_entity_poly.pdbx_strand_id   A
#
# COMPACT_ATOMS: atom_id res chain seq x y z
N GLY A 1 -28.07 -3.33 16.55
CA GLY A 1 -28.39 -1.88 16.74
C GLY A 1 -27.23 -0.96 16.35
N ARG A 2 -26.61 -1.29 15.21
CA ARG A 2 -25.50 -0.51 14.64
C ARG A 2 -25.85 0.89 14.05
N ARG A 3 -27.03 1.05 13.44
CA ARG A 3 -27.41 2.33 12.84
C ARG A 3 -28.28 3.26 13.73
N ARG A 4 -28.70 2.77 14.89
CA ARG A 4 -29.54 3.55 15.80
C ARG A 4 -29.15 5.02 15.76
N SER A 5 -27.86 5.28 15.85
CA SER A 5 -27.36 6.62 15.79
C SER A 5 -25.85 6.54 15.66
N VAL A 6 -25.28 7.50 14.95
CA VAL A 6 -23.83 7.59 14.82
C VAL A 6 -23.44 8.67 15.81
N GLN A 7 -22.45 8.37 16.64
CA GLN A 7 -22.00 9.30 17.68
C GLN A 7 -20.74 10.01 17.27
N TRP A 8 -20.88 11.29 16.89
CA TRP A 8 -19.77 12.13 16.46
C TRP A 8 -19.08 12.72 17.67
N CYS A 9 -17.76 12.62 17.72
CA CYS A 9 -17.00 13.16 18.83
C CYS A 9 -16.42 14.56 18.54
N THR A 10 -16.86 15.59 19.27
CA THR A 10 -16.32 16.94 19.06
C THR A 10 -15.14 17.18 19.98
N VAL A 11 -14.30 18.16 19.61
CA VAL A 11 -13.09 18.48 20.37
C VAL A 11 -13.17 19.83 21.07
N SER A 12 -14.25 20.55 20.84
CA SER A 12 -14.43 21.86 21.44
C SER A 12 -15.90 22.18 21.61
N ASN A 13 -16.20 23.27 22.30
CA ASN A 13 -17.56 23.68 22.54
C ASN A 13 -18.23 24.15 21.26
N PRO A 14 -17.63 25.08 20.50
CA PRO A 14 -18.30 25.55 19.28
C PRO A 14 -18.55 24.36 18.36
N GLU A 15 -17.66 23.39 18.43
CA GLU A 15 -17.82 22.20 17.62
C GLU A 15 -19.05 21.45 18.11
N ALA A 16 -19.21 21.39 19.43
CA ALA A 16 -20.39 20.71 19.98
C ALA A 16 -21.65 21.40 19.45
N THR A 17 -21.66 22.72 19.47
CA THR A 17 -22.80 23.46 18.97
C THR A 17 -23.16 23.01 17.58
N LYS A 18 -22.21 23.12 16.65
CA LYS A 18 -22.47 22.74 15.27
C LYS A 18 -22.96 21.29 15.20
N CYS A 19 -22.38 20.45 16.05
CA CYS A 19 -22.79 19.07 16.00
C CYS A 19 -24.24 18.94 16.34
N PHE A 20 -24.75 19.86 17.17
CA PHE A 20 -26.14 19.82 17.60
C PHE A 20 -27.09 20.31 16.52
N GLN A 21 -26.68 21.34 15.80
CA GLN A 21 -27.46 21.89 14.71
C GLN A 21 -27.63 20.80 13.66
N TRP A 22 -26.50 20.17 13.32
CA TRP A 22 -26.50 19.09 12.36
C TRP A 22 -27.47 18.02 12.84
N GLN A 23 -27.49 17.78 14.13
CA GLN A 23 -28.38 16.76 14.68
C GLN A 23 -29.86 17.04 14.40
N ARG A 24 -30.26 18.30 14.53
CA ARG A 24 -31.67 18.68 14.31
C ARG A 24 -32.08 18.76 12.83
N ASN A 25 -31.19 19.28 11.97
CA ASN A 25 -31.50 19.36 10.54
C ASN A 25 -31.60 17.95 9.96
N MET A 26 -30.92 17.01 10.59
CA MET A 26 -30.99 15.63 10.15
C MET A 26 -32.33 15.09 10.60
N ARG A 27 -32.88 15.73 11.61
CA ARG A 27 -34.18 15.34 12.15
C ARG A 27 -35.27 16.30 11.64
N ARG A 28 -34.94 17.16 10.68
CA ARG A 28 -35.89 18.13 10.09
C ARG A 28 -36.10 17.82 8.61
N VAL A 29 -35.35 16.85 8.09
CA VAL A 29 -35.45 16.46 6.69
C VAL A 29 -35.57 14.95 6.69
N ARG A 30 -35.69 14.39 7.89
CA ARG A 30 -35.86 12.96 8.08
C ARG A 30 -34.70 12.12 7.56
N GLY A 31 -33.46 12.49 7.91
CA GLY A 31 -32.27 11.76 7.49
C GLY A 31 -31.73 10.86 8.62
N PRO A 32 -30.60 10.17 8.43
CA PRO A 32 -30.08 9.32 9.49
C PRO A 32 -29.74 10.11 10.76
N PRO A 33 -29.89 9.47 11.90
CA PRO A 33 -29.65 10.12 13.19
C PRO A 33 -28.16 10.26 13.55
N VAL A 34 -27.81 11.35 14.22
CA VAL A 34 -26.45 11.61 14.64
C VAL A 34 -26.52 12.28 16.01
N SER A 35 -25.69 11.85 16.95
CA SER A 35 -25.67 12.41 18.30
C SER A 35 -24.24 12.85 18.61
N CYS A 36 -24.10 13.81 19.50
CA CYS A 36 -22.81 14.41 19.83
C CYS A 36 -22.27 14.11 21.21
N VAL A 37 -20.96 13.94 21.29
CA VAL A 37 -20.24 13.67 22.53
C VAL A 37 -19.18 14.75 22.65
N LYS A 38 -18.81 15.16 23.87
CA LYS A 38 -17.77 16.20 24.02
C LYS A 38 -16.53 15.64 24.68
N ARG A 39 -15.42 16.23 24.28
CA ARG A 39 -14.10 15.93 24.78
C ARG A 39 -13.31 17.22 24.49
N ASP A 40 -12.06 17.27 24.92
CA ASP A 40 -11.29 18.48 24.75
C ASP A 40 -10.10 18.28 23.82
N SER A 41 -9.97 17.13 23.18
CA SER A 41 -8.84 16.91 22.27
C SER A 41 -9.01 15.68 21.34
N PRO A 42 -8.29 15.69 20.23
CA PRO A 42 -8.30 14.59 19.28
C PRO A 42 -8.02 13.27 19.94
N THR A 43 -6.95 13.25 20.72
CA THR A 43 -6.56 12.06 21.46
C THR A 43 -7.68 11.51 22.35
N GLN A 44 -8.43 12.40 22.97
CA GLN A 44 -9.54 12.01 23.81
C GLN A 44 -10.63 11.39 22.95
N CYS A 45 -10.91 12.03 21.82
CA CYS A 45 -11.91 11.51 20.89
C CYS A 45 -11.43 10.16 20.36
N ILE A 46 -10.15 10.03 20.14
CA ILE A 46 -9.61 8.76 19.68
C ILE A 46 -9.86 7.70 20.73
N GLN A 47 -9.61 8.03 21.99
CA GLN A 47 -9.86 7.10 23.09
C GLN A 47 -11.36 6.86 23.23
N ALA A 48 -12.13 7.93 23.19
CA ALA A 48 -13.56 7.81 23.29
C ALA A 48 -14.07 6.75 22.31
N ILE A 49 -13.63 6.86 21.05
CA ILE A 49 -14.05 5.95 20.00
C ILE A 49 -13.63 4.50 20.21
N ALA A 50 -12.41 4.26 20.65
CA ALA A 50 -11.96 2.88 20.85
C ALA A 50 -12.65 2.21 22.04
N GLU A 51 -13.18 3.03 22.96
CA GLU A 51 -13.85 2.55 24.16
C GLU A 51 -15.37 2.57 23.98
N ASN A 52 -15.81 2.37 22.74
CA ASN A 52 -17.23 2.29 22.43
C ASN A 52 -18.10 3.40 22.96
N ARG A 53 -17.55 4.57 23.21
CA ARG A 53 -18.34 5.67 23.69
C ARG A 53 -18.56 6.74 22.65
N ALA A 54 -18.20 6.43 21.39
CA ALA A 54 -18.39 7.35 20.26
C ALA A 54 -18.10 6.56 19.01
N ASP A 55 -18.52 7.05 17.85
CA ASP A 55 -18.31 6.30 16.60
C ASP A 55 -17.34 6.90 15.61
N ALA A 56 -17.37 8.21 15.42
CA ALA A 56 -16.49 8.79 14.45
C ALA A 56 -15.90 10.16 14.81
N VAL A 57 -14.84 10.56 14.11
CA VAL A 57 -14.17 11.84 14.29
C VAL A 57 -13.31 12.15 13.04
N THR A 58 -13.25 13.41 12.64
CA THR A 58 -12.42 13.78 11.53
C THR A 58 -11.04 14.15 12.04
N LEU A 59 -10.01 13.60 11.43
CA LEU A 59 -8.66 13.90 11.85
C LEU A 59 -7.70 14.27 10.72
N ASP A 60 -6.66 14.98 11.08
CA ASP A 60 -5.61 15.33 10.18
C ASP A 60 -4.70 14.11 10.05
N GLY A 61 -3.88 14.09 9.01
CA GLY A 61 -3.02 12.95 8.77
C GLY A 61 -2.22 12.55 9.98
N GLY A 62 -1.65 13.54 10.65
CA GLY A 62 -0.83 13.29 11.81
C GLY A 62 -1.52 12.45 12.87
N PHE A 63 -2.78 12.72 13.13
CA PHE A 63 -3.56 11.97 14.11
C PHE A 63 -4.23 10.72 13.52
N ILE A 64 -4.21 10.57 12.19
CA ILE A 64 -4.69 9.36 11.57
C ILE A 64 -3.65 8.36 12.03
N TYR A 65 -2.40 8.78 12.02
CA TYR A 65 -1.29 7.94 12.44
C TYR A 65 -1.37 7.48 13.87
N GLU A 66 -1.68 8.40 14.79
CA GLU A 66 -1.77 8.10 16.21
C GLU A 66 -2.95 7.18 16.44
N ALA A 67 -4.06 7.47 15.77
CA ALA A 67 -5.29 6.72 15.95
C ALA A 67 -5.19 5.26 15.48
N GLY A 68 -4.19 4.93 14.68
CA GLY A 68 -4.07 3.58 14.19
C GLY A 68 -3.13 2.71 15.03
N LEU A 69 -2.45 3.33 15.98
CA LEU A 69 -1.51 2.63 16.80
C LEU A 69 -2.19 1.79 17.88
N ALA A 70 -1.37 0.89 18.44
CA ALA A 70 -1.66 -0.07 19.53
C ALA A 70 -3.04 -0.05 20.18
N PRO A 71 -3.26 0.56 21.32
CA PRO A 71 -4.58 0.42 21.94
C PRO A 71 -5.75 0.67 21.00
N TYR A 72 -5.71 1.79 20.30
CA TYR A 72 -6.78 2.28 19.45
C TYR A 72 -7.05 1.49 18.16
N LYS A 73 -6.08 1.44 17.26
CA LYS A 73 -6.22 0.72 16.01
C LYS A 73 -7.44 1.13 15.21
N LEU A 74 -7.73 2.43 15.12
CA LEU A 74 -8.83 2.90 14.29
C LEU A 74 -8.41 2.93 12.81
N ARG A 75 -9.37 3.08 11.91
CA ARG A 75 -9.07 3.14 10.47
C ARG A 75 -9.87 4.24 9.83
N PRO A 76 -9.33 4.83 8.77
CA PRO A 76 -10.11 5.83 8.04
C PRO A 76 -11.18 5.15 7.21
N VAL A 77 -12.37 5.73 7.17
CA VAL A 77 -13.46 5.14 6.42
C VAL A 77 -13.98 6.11 5.37
N ALA A 78 -13.71 7.40 5.55
CA ALA A 78 -14.18 8.42 4.61
C ALA A 78 -13.16 9.55 4.53
N ALA A 79 -12.78 9.95 3.31
CA ALA A 79 -11.81 11.03 3.18
C ALA A 79 -12.51 12.28 2.80
N GLU A 80 -11.93 13.44 3.11
CA GLU A 80 -12.51 14.71 2.70
C GLU A 80 -12.10 14.93 1.28
N VAL A 81 -12.96 15.59 0.49
CA VAL A 81 -12.63 15.90 -0.90
C VAL A 81 -12.41 17.39 -1.02
N TYR A 82 -11.36 17.80 -1.71
CA TYR A 82 -11.07 19.22 -1.89
C TYR A 82 -11.01 19.54 -3.38
N GLY A 83 -10.56 20.76 -3.68
CA GLY A 83 -10.46 21.27 -5.04
C GLY A 83 -11.79 21.82 -5.48
N THR A 84 -12.22 21.49 -6.69
CA THR A 84 -13.50 21.91 -7.24
C THR A 84 -14.26 20.71 -7.77
N GLU A 85 -15.48 20.94 -8.22
CA GLU A 85 -16.34 19.87 -8.71
C GLU A 85 -15.79 19.34 -10.01
N ARG A 86 -15.13 20.19 -10.77
CA ARG A 86 -14.55 19.80 -12.05
C ARG A 86 -13.28 18.97 -11.85
N GLN A 87 -12.51 19.33 -10.81
CA GLN A 87 -11.30 18.58 -10.48
C GLN A 87 -11.15 18.40 -8.97
N PRO A 88 -11.82 17.39 -8.46
CA PRO A 88 -11.79 16.98 -7.06
C PRO A 88 -10.50 16.26 -6.72
N ARG A 89 -10.06 16.36 -5.49
CA ARG A 89 -8.83 15.69 -5.09
C ARG A 89 -8.92 15.28 -3.62
N THR A 90 -8.42 14.11 -3.29
CA THR A 90 -8.41 13.65 -1.93
C THR A 90 -7.01 13.78 -1.42
N HIS A 91 -6.41 14.91 -1.72
CA HIS A 91 -5.07 15.21 -1.23
C HIS A 91 -4.90 16.73 -1.23
N TYR A 92 -3.88 17.23 -0.55
CA TYR A 92 -3.62 18.67 -0.57
C TYR A 92 -2.13 18.89 -0.47
N TYR A 93 -1.70 20.15 -0.46
CA TYR A 93 -0.28 20.46 -0.44
C TYR A 93 0.16 21.19 0.81
N ALA A 94 1.29 20.78 1.35
CA ALA A 94 1.87 21.42 2.49
C ALA A 94 2.84 22.45 1.92
N VAL A 95 2.64 23.73 2.22
CA VAL A 95 3.51 24.77 1.71
C VAL A 95 4.10 25.62 2.83
N ALA A 96 5.02 26.49 2.47
CA ALA A 96 5.63 27.38 3.43
C ALA A 96 5.42 28.75 2.83
N VAL A 97 4.61 29.58 3.48
CA VAL A 97 4.25 30.91 2.98
C VAL A 97 4.99 32.02 3.70
N VAL A 98 5.50 32.97 2.93
CA VAL A 98 6.26 34.10 3.47
C VAL A 98 5.70 35.42 2.91
N LYS A 99 6.26 36.55 3.32
CA LYS A 99 5.86 37.85 2.78
C LYS A 99 6.80 38.32 1.65
N LYS A 100 6.20 39.02 0.70
CA LYS A 100 6.96 39.55 -0.40
C LYS A 100 7.83 40.67 0.14
N GLY A 101 9.14 40.57 -0.08
CA GLY A 101 10.05 41.57 0.43
C GLY A 101 11.38 41.00 0.86
N GLY A 102 11.36 40.10 1.84
CA GLY A 102 12.60 39.48 2.28
C GLY A 102 13.24 38.76 1.11
N SER A 103 14.47 38.28 1.31
CA SER A 103 15.17 37.62 0.23
C SER A 103 15.64 36.23 0.63
N PHE A 104 15.39 35.83 1.87
CA PHE A 104 15.84 34.53 2.35
C PHE A 104 15.11 33.35 1.71
N GLN A 105 15.80 32.21 1.68
CA GLN A 105 15.26 31.00 1.08
C GLN A 105 15.01 29.90 2.13
N LEU A 106 14.40 28.81 1.71
CA LEU A 106 14.08 27.68 2.58
C LEU A 106 15.27 27.15 3.37
N ASN A 107 16.46 27.27 2.80
CA ASN A 107 17.64 26.77 3.51
C ASN A 107 18.28 27.85 4.42
N GLU A 108 17.66 29.02 4.48
CA GLU A 108 18.18 30.11 5.28
C GLU A 108 17.26 30.50 6.41
N LEU A 109 16.39 29.60 6.85
CA LEU A 109 15.44 29.89 7.92
C LEU A 109 16.04 29.91 9.32
N GLN A 110 17.32 29.59 9.47
CA GLN A 110 17.90 29.58 10.80
C GLN A 110 17.82 30.95 11.48
N GLY A 111 17.31 30.98 12.71
CA GLY A 111 17.19 32.24 13.44
C GLY A 111 15.93 33.07 13.21
N LEU A 112 15.12 32.68 12.23
CA LEU A 112 13.89 33.40 11.92
C LEU A 112 12.77 32.98 12.84
N LYS A 113 11.61 33.59 12.69
CA LYS A 113 10.44 33.28 13.49
C LYS A 113 9.39 32.50 12.66
N SER A 114 8.89 31.38 13.20
CA SER A 114 7.92 30.53 12.51
C SER A 114 6.53 30.41 13.15
N CYS A 115 5.54 30.07 12.32
CA CYS A 115 4.16 29.87 12.71
C CYS A 115 3.67 28.49 12.21
N HIS A 116 3.21 27.65 13.12
CA HIS A 116 2.76 26.32 12.80
C HIS A 116 1.30 26.09 13.16
N THR A 117 0.62 25.19 12.45
CA THR A 117 -0.79 24.91 12.72
C THR A 117 -0.96 24.23 14.06
N GLY A 118 -0.07 23.33 14.39
CA GLY A 118 -0.21 22.63 15.66
C GLY A 118 0.80 21.53 15.69
N LEU A 119 1.21 21.12 16.87
CA LEU A 119 2.19 20.07 17.00
C LEU A 119 1.60 18.79 16.44
N ARG A 120 2.42 18.07 15.68
CA ARG A 120 2.05 16.77 15.13
C ARG A 120 1.07 16.76 13.97
N ARG A 121 0.69 17.93 13.49
CA ARG A 121 -0.20 18.00 12.35
C ARG A 121 0.69 17.87 11.11
N THR A 122 0.09 17.44 10.01
CA THR A 122 0.80 17.23 8.77
C THR A 122 1.57 18.44 8.22
N ALA A 123 0.82 19.44 7.79
CA ALA A 123 1.42 20.61 7.17
C ALA A 123 2.09 21.55 8.16
N GLY A 124 1.62 21.56 9.40
CA GLY A 124 2.19 22.44 10.37
C GLY A 124 3.38 21.90 11.08
N TRP A 125 3.54 20.57 11.12
CA TRP A 125 4.69 20.02 11.87
C TRP A 125 5.50 18.93 11.18
N ASN A 126 4.86 17.79 10.95
CA ASN A 126 5.50 16.62 10.36
C ASN A 126 6.32 16.87 9.10
N VAL A 127 5.73 17.56 8.14
CA VAL A 127 6.38 17.85 6.87
C VAL A 127 7.45 18.87 6.98
N PRO A 128 7.20 20.07 7.53
CA PRO A 128 8.26 21.07 7.64
C PRO A 128 9.42 20.61 8.50
N ILE A 129 9.16 19.95 9.59
CA ILE A 129 10.28 19.49 10.42
C ILE A 129 11.04 18.37 9.75
N GLY A 130 10.36 17.52 9.00
CA GLY A 130 11.05 16.44 8.30
C GLY A 130 11.93 17.02 7.23
N THR A 131 11.48 18.10 6.60
CA THR A 131 12.22 18.73 5.53
C THR A 131 13.42 19.54 6.00
N LEU A 132 13.32 20.12 7.20
CA LEU A 132 14.40 20.94 7.73
C LEU A 132 15.40 20.14 8.51
N ARG A 133 15.10 18.88 8.81
CA ARG A 133 15.99 18.04 9.62
C ARG A 133 17.49 18.14 9.35
N PRO A 134 17.96 18.16 8.12
CA PRO A 134 19.41 18.29 7.90
C PRO A 134 20.03 19.56 8.47
N PHE A 135 19.21 20.59 8.71
CA PHE A 135 19.72 21.85 9.27
C PHE A 135 19.64 21.90 10.79
N LEU A 136 18.96 20.95 11.41
CA LEU A 136 18.75 20.99 12.86
C LEU A 136 19.89 20.51 13.76
N ASN A 137 20.86 19.77 13.23
CA ASN A 137 21.95 19.21 14.03
C ASN A 137 21.37 18.44 15.20
N TRP A 138 20.23 17.78 15.02
CA TRP A 138 19.64 17.02 16.12
C TRP A 138 20.39 15.72 16.30
N THR A 139 20.78 15.39 17.52
CA THR A 139 21.56 14.17 17.76
C THR A 139 20.76 12.90 17.95
N GLY A 140 19.45 12.98 18.13
CA GLY A 140 18.66 11.76 18.28
C GLY A 140 17.89 11.53 19.60
N PRO A 141 17.16 10.47 19.67
CA PRO A 141 15.98 10.06 20.56
C PRO A 141 15.89 10.45 22.04
N PRO A 142 16.93 10.25 22.90
CA PRO A 142 16.73 10.83 24.22
C PRO A 142 16.19 12.23 24.07
N GLU A 143 16.97 13.04 23.36
CA GLU A 143 16.60 14.43 23.14
C GLU A 143 15.43 14.57 22.14
N PRO A 144 14.30 15.06 22.61
CA PRO A 144 13.14 15.24 21.74
C PRO A 144 13.50 16.14 20.59
N ILE A 145 12.89 15.91 19.43
CA ILE A 145 13.15 16.74 18.26
C ILE A 145 12.72 18.20 18.50
N GLU A 146 11.73 18.39 19.35
CA GLU A 146 11.21 19.73 19.64
C GLU A 146 12.35 20.61 20.13
N ALA A 147 13.10 20.07 21.07
CA ALA A 147 14.24 20.76 21.67
C ALA A 147 15.14 21.35 20.62
N ALA A 148 15.46 20.57 19.59
CA ALA A 148 16.32 21.05 18.49
C ALA A 148 15.63 22.10 17.64
N VAL A 149 14.31 22.05 17.57
CA VAL A 149 13.59 23.03 16.78
C VAL A 149 13.59 24.33 17.55
N ALA A 150 13.58 24.20 18.87
CA ALA A 150 13.59 25.36 19.76
C ALA A 150 14.86 26.19 19.63
N ARG A 151 15.97 25.58 19.23
CA ARG A 151 17.22 26.29 19.06
C ARG A 151 17.35 26.84 17.64
N PHE A 152 16.64 26.23 16.70
CA PHE A 152 16.74 26.63 15.30
C PHE A 152 15.99 27.94 15.05
N PHE A 153 14.72 27.97 15.43
CA PHE A 153 13.93 29.19 15.24
C PHE A 153 14.06 30.03 16.49
N SER A 154 14.35 31.33 16.36
CA SER A 154 14.50 32.19 17.53
C SER A 154 13.23 32.21 18.34
N ALA A 155 12.09 32.15 17.65
CA ALA A 155 10.77 32.14 18.28
C ALA A 155 9.69 31.55 17.36
N SER A 156 8.71 30.85 17.94
CA SER A 156 7.66 30.27 17.14
C SER A 156 6.37 30.18 17.90
N CYS A 157 5.33 29.74 17.20
CA CYS A 157 4.05 29.41 17.80
C CYS A 157 3.66 27.98 17.32
N VAL A 158 3.81 27.01 18.21
CA VAL A 158 3.51 25.62 17.88
C VAL A 158 2.46 25.10 18.87
N PRO A 159 1.19 25.40 18.61
CA PRO A 159 0.09 25.00 19.47
C PRO A 159 0.17 23.59 19.94
N GLY A 160 0.08 23.40 21.25
CA GLY A 160 0.13 22.08 21.86
C GLY A 160 1.50 21.67 22.35
N ALA A 161 2.53 22.41 22.03
CA ALA A 161 3.85 22.07 22.55
C ALA A 161 3.89 22.27 24.07
N ASP A 162 4.80 21.57 24.76
CA ASP A 162 4.97 21.72 26.21
C ASP A 162 5.68 23.06 26.46
N LYS A 163 4.91 24.08 26.81
CA LYS A 163 5.48 25.40 27.01
C LYS A 163 6.41 25.47 28.23
N GLY A 164 6.32 24.49 29.11
CA GLY A 164 7.20 24.45 30.26
C GLY A 164 8.56 23.95 29.83
N GLN A 165 8.56 22.98 28.92
CA GLN A 165 9.80 22.40 28.40
C GLN A 165 10.40 23.12 27.16
N PHE A 166 9.52 23.66 26.30
CA PHE A 166 9.93 24.29 25.05
C PHE A 166 9.31 25.71 24.89
N PRO A 167 9.70 26.61 25.79
CA PRO A 167 9.17 27.97 25.85
C PRO A 167 9.31 28.72 24.53
N ASN A 168 10.37 28.44 23.81
CA ASN A 168 10.56 29.08 22.53
C ASN A 168 9.44 28.77 21.53
N LEU A 169 8.88 27.56 21.62
CA LEU A 169 7.83 27.13 20.69
C LEU A 169 6.44 27.71 20.94
N CYS A 170 6.29 28.48 22.02
CA CYS A 170 5.03 29.11 22.42
C CYS A 170 5.13 30.64 22.47
N ARG A 171 6.35 31.12 22.29
CA ARG A 171 6.64 32.53 22.35
C ARG A 171 5.66 33.36 21.56
N LEU A 172 5.61 33.16 20.24
CA LEU A 172 4.74 33.94 19.38
C LEU A 172 3.26 33.65 19.51
N CYS A 173 2.87 32.59 20.18
CA CYS A 173 1.44 32.31 20.28
C CYS A 173 0.69 33.47 20.98
N ALA A 174 -0.53 33.75 20.53
CA ALA A 174 -1.32 34.87 21.03
C ALA A 174 -2.40 34.55 22.09
N GLY A 175 -2.48 33.30 22.53
CA GLY A 175 -3.48 32.93 23.52
C GLY A 175 -3.35 33.76 24.79
N THR A 176 -4.44 33.82 25.57
CA THR A 176 -4.47 34.56 26.83
C THR A 176 -4.31 33.66 28.08
N GLY A 177 -3.32 33.99 28.90
CA GLY A 177 -3.07 33.24 30.11
C GLY A 177 -2.83 31.75 29.93
N GLU A 178 -3.85 30.94 30.18
CA GLU A 178 -3.72 29.49 30.07
C GLU A 178 -4.06 29.00 28.66
N ASN A 179 -4.62 29.88 27.84
CA ASN A 179 -4.97 29.53 26.47
C ASN A 179 -3.80 29.80 25.51
N LYS A 180 -2.69 30.26 26.08
CA LYS A 180 -1.48 30.56 25.34
C LYS A 180 -0.87 29.24 24.88
N CYS A 181 -0.80 29.02 23.57
CA CYS A 181 -0.21 27.80 23.04
C CYS A 181 -1.11 26.59 23.24
N ALA A 182 -2.40 26.83 23.32
CA ALA A 182 -3.35 25.74 23.49
C ALA A 182 -3.69 25.13 22.15
N PHE A 183 -3.86 23.82 22.13
CA PHE A 183 -4.26 23.09 20.94
C PHE A 183 -5.77 23.20 20.78
N SER A 184 -6.26 24.42 20.59
CA SER A 184 -7.68 24.67 20.41
C SER A 184 -7.85 26.05 19.83
N SER A 185 -9.08 26.37 19.46
CA SER A 185 -9.38 27.67 18.86
C SER A 185 -9.28 28.77 19.88
N GLN A 186 -9.08 28.42 21.14
CA GLN A 186 -8.87 29.45 22.16
C GLN A 186 -7.59 30.18 21.81
N GLU A 187 -6.63 29.47 21.22
CA GLU A 187 -5.38 30.07 20.77
C GLU A 187 -5.66 30.59 19.37
N PRO A 188 -5.68 31.90 19.20
CA PRO A 188 -6.01 32.49 17.88
C PRO A 188 -5.06 32.13 16.76
N TYR A 189 -3.83 31.71 17.08
CA TYR A 189 -2.87 31.33 16.04
C TYR A 189 -2.83 29.85 15.73
N PHE A 190 -3.91 29.17 16.06
CA PHE A 190 -4.06 27.72 15.88
C PHE A 190 -4.66 27.34 14.52
N SER A 191 -4.22 26.19 13.99
CA SER A 191 -4.69 25.66 12.73
C SER A 191 -4.31 26.51 11.52
N TYR A 192 -4.74 26.10 10.34
CA TYR A 192 -4.35 26.75 9.10
C TYR A 192 -4.50 28.26 9.11
N SER A 193 -5.68 28.77 9.41
CA SER A 193 -5.92 30.21 9.42
C SER A 193 -5.18 30.85 10.55
N GLY A 194 -5.11 30.19 11.69
CA GLY A 194 -4.41 30.76 12.82
C GLY A 194 -2.97 30.99 12.48
N ALA A 195 -2.33 30.00 11.89
CA ALA A 195 -0.93 30.11 11.52
C ALA A 195 -0.71 31.18 10.47
N PHE A 196 -1.69 31.35 9.59
CA PHE A 196 -1.60 32.36 8.53
C PHE A 196 -1.74 33.75 9.13
N LYS A 197 -2.59 33.89 10.15
CA LYS A 197 -2.80 35.17 10.80
C LYS A 197 -1.50 35.57 11.49
N CYS A 198 -0.85 34.60 12.12
CA CYS A 198 0.43 34.81 12.80
C CYS A 198 1.43 35.44 11.83
N LEU A 199 1.30 35.12 10.55
CA LEU A 199 2.22 35.68 9.55
C LEU A 199 1.78 37.09 9.21
N ARG A 200 0.49 37.25 8.94
CA ARG A 200 -0.02 38.57 8.56
C ARG A 200 0.27 39.60 9.61
N ASP A 201 0.09 39.25 10.87
CA ASP A 201 0.33 40.16 11.98
C ASP A 201 1.80 40.52 12.12
N GLY A 202 2.68 39.81 11.39
CA GLY A 202 4.13 40.02 11.45
C GLY A 202 4.76 39.33 12.64
N ALA A 203 4.00 38.56 13.39
CA ALA A 203 4.57 37.85 14.53
C ALA A 203 5.66 36.84 14.11
N GLY A 204 5.47 36.18 12.96
CA GLY A 204 6.44 35.22 12.46
C GLY A 204 6.88 35.55 11.04
N ASP A 205 8.02 35.02 10.61
CA ASP A 205 8.48 35.30 9.26
C ASP A 205 8.04 34.32 8.24
N VAL A 206 7.65 33.12 8.68
CA VAL A 206 7.19 32.06 7.76
C VAL A 206 6.02 31.31 8.38
N ALA A 207 5.09 30.86 7.54
CA ALA A 207 3.95 30.08 8.00
C ALA A 207 3.90 28.75 7.26
N PHE A 208 3.72 27.67 8.02
CA PHE A 208 3.65 26.33 7.44
C PHE A 208 2.19 25.87 7.45
N ILE A 209 1.54 26.00 6.31
CA ILE A 209 0.13 25.69 6.14
C ILE A 209 -0.15 24.89 4.84
N ARG A 210 -1.39 24.95 4.37
CA ARG A 210 -1.77 24.27 3.14
C ARG A 210 -1.97 25.29 2.00
N GLU A 211 -2.06 24.79 0.77
CA GLU A 211 -2.16 25.62 -0.43
C GLU A 211 -3.39 26.51 -0.54
N SER A 212 -4.49 26.15 0.09
CA SER A 212 -5.71 26.92 -0.08
C SER A 212 -5.91 28.10 0.90
N THR A 213 -5.22 28.04 2.04
CA THR A 213 -5.36 29.05 3.07
C THR A 213 -5.30 30.49 2.60
N VAL A 214 -4.25 30.86 1.89
CA VAL A 214 -4.10 32.23 1.42
C VAL A 214 -5.28 32.66 0.54
N PHE A 215 -5.89 31.72 -0.17
CA PHE A 215 -7.04 32.00 -1.00
C PHE A 215 -8.34 32.05 -0.22
N GLU A 216 -8.43 31.33 0.88
CA GLU A 216 -9.64 31.32 1.67
C GLU A 216 -9.75 32.56 2.57
N ASP A 217 -8.63 33.06 3.08
CA ASP A 217 -8.65 34.20 3.99
C ASP A 217 -8.44 35.57 3.32
N LEU A 218 -7.96 35.60 2.07
CA LEU A 218 -7.76 36.88 1.36
C LEU A 218 -8.60 36.96 0.07
N SER A 219 -9.65 37.78 0.11
CA SER A 219 -10.54 37.95 -1.04
C SER A 219 -9.89 38.82 -2.12
N ASP A 220 -9.38 39.99 -1.73
CA ASP A 220 -8.75 40.88 -2.70
C ASP A 220 -7.52 40.28 -3.38
N GLU A 221 -7.66 39.94 -4.65
CA GLU A 221 -6.55 39.37 -5.40
C GLU A 221 -5.27 40.20 -5.19
N ALA A 222 -5.46 41.49 -4.91
CA ALA A 222 -4.34 42.40 -4.71
C ALA A 222 -3.55 42.07 -3.47
N GLU A 223 -4.23 41.70 -2.39
CA GLU A 223 -3.54 41.37 -1.13
C GLU A 223 -2.79 40.03 -1.20
N ARG A 224 -3.20 39.17 -2.13
CA ARG A 224 -2.56 37.87 -2.31
C ARG A 224 -1.18 37.97 -2.91
N ASP A 225 -0.93 39.01 -3.70
CA ASP A 225 0.38 39.19 -4.32
C ASP A 225 1.39 39.84 -3.41
N GLU A 226 1.08 39.88 -2.12
CA GLU A 226 2.01 40.40 -1.14
C GLU A 226 2.70 39.23 -0.47
N TYR A 227 2.26 38.03 -0.82
CA TYR A 227 2.80 36.77 -0.29
C TYR A 227 3.37 35.88 -1.40
N GLU A 228 4.41 35.12 -1.05
CA GLU A 228 5.06 34.18 -1.95
C GLU A 228 5.23 32.85 -1.24
N LEU A 229 5.76 31.86 -1.98
CA LEU A 229 5.99 30.51 -1.46
C LEU A 229 7.45 30.17 -1.48
N LEU A 230 7.94 29.48 -0.46
CA LEU A 230 9.31 29.01 -0.45
C LEU A 230 9.29 27.66 -1.12
N CYS A 231 10.09 27.46 -2.17
CA CYS A 231 10.15 26.16 -2.84
C CYS A 231 11.34 25.38 -2.35
N PRO A 232 11.27 24.05 -2.42
CA PRO A 232 12.38 23.23 -1.91
C PRO A 232 13.65 23.34 -2.75
N ASP A 233 13.58 24.01 -3.90
CA ASP A 233 14.74 24.20 -4.75
C ASP A 233 15.34 25.58 -4.46
N ASN A 234 15.14 26.04 -3.23
CA ASN A 234 15.67 27.30 -2.77
C ASN A 234 15.35 28.50 -3.60
N THR A 235 14.13 28.54 -4.14
CA THR A 235 13.67 29.72 -4.86
C THR A 235 12.33 30.12 -4.27
N ARG A 236 11.76 31.24 -4.74
CA ARG A 236 10.47 31.74 -4.28
C ARG A 236 9.55 31.90 -5.48
N LYS A 237 8.27 31.56 -5.34
CA LYS A 237 7.34 31.67 -6.45
C LYS A 237 5.98 32.11 -5.96
N PRO A 238 5.14 32.61 -6.86
CA PRO A 238 3.80 33.07 -6.48
C PRO A 238 2.99 31.97 -5.83
N VAL A 239 2.09 32.40 -4.96
CA VAL A 239 1.23 31.48 -4.22
C VAL A 239 0.30 30.65 -5.11
N ASP A 240 0.19 30.97 -6.39
CA ASP A 240 -0.70 30.20 -7.27
C ASP A 240 0.01 29.02 -7.96
N LYS A 241 1.33 29.01 -7.88
CA LYS A 241 2.14 27.96 -8.47
C LYS A 241 2.50 26.88 -7.44
N PHE A 242 1.59 26.58 -6.56
CA PHE A 242 1.85 25.62 -5.49
C PHE A 242 2.06 24.19 -6.01
N LYS A 243 1.55 23.89 -7.19
CA LYS A 243 1.76 22.58 -7.77
C LYS A 243 3.24 22.38 -8.03
N ASP A 244 3.97 23.47 -8.26
CA ASP A 244 5.39 23.40 -8.56
C ASP A 244 6.23 23.95 -7.45
N CYS A 245 5.65 24.19 -6.27
CA CYS A 245 6.39 24.76 -5.16
C CYS A 245 5.72 24.36 -3.85
N HIS A 246 5.97 23.12 -3.43
CA HIS A 246 5.39 22.58 -2.19
C HIS A 246 6.36 21.68 -1.45
N LEU A 247 6.19 21.58 -0.15
CA LEU A 247 7.09 20.75 0.62
C LEU A 247 6.69 19.31 0.51
N ALA A 248 5.40 19.02 0.32
CA ALA A 248 4.90 17.65 0.17
C ALA A 248 3.46 17.58 -0.34
N ARG A 249 3.11 16.44 -0.93
CA ARG A 249 1.76 16.19 -1.38
C ARG A 249 1.24 15.19 -0.36
N VAL A 250 0.17 15.54 0.34
CA VAL A 250 -0.31 14.69 1.40
C VAL A 250 -1.79 14.34 1.30
N PRO A 251 -2.18 13.22 1.88
CA PRO A 251 -3.56 12.75 1.87
C PRO A 251 -4.49 13.64 2.68
N SER A 252 -5.75 13.71 2.25
CA SER A 252 -6.69 14.57 2.92
C SER A 252 -7.12 14.05 4.30
N HIS A 253 -7.61 14.98 5.12
CA HIS A 253 -8.11 14.63 6.43
C HIS A 253 -9.12 13.53 6.22
N ALA A 254 -9.36 12.71 7.23
CA ALA A 254 -10.34 11.63 7.11
C ALA A 254 -11.11 11.32 8.42
N VAL A 255 -12.31 10.80 8.23
CA VAL A 255 -13.14 10.39 9.31
C VAL A 255 -12.65 9.02 9.71
N VAL A 256 -12.40 8.79 11.00
CA VAL A 256 -11.96 7.48 11.43
C VAL A 256 -13.03 6.79 12.25
N ALA A 257 -12.85 5.49 12.43
CA ALA A 257 -13.77 4.66 13.21
C ALA A 257 -13.01 3.38 13.58
N ARG A 258 -13.58 2.56 14.45
CA ARG A 258 -12.88 1.35 14.85
C ARG A 258 -12.87 0.28 13.78
N SER A 259 -11.85 -0.56 13.80
CA SER A 259 -11.70 -1.61 12.80
C SER A 259 -12.70 -2.77 12.97
N VAL A 260 -13.03 -3.09 14.21
CA VAL A 260 -13.97 -4.17 14.52
C VAL A 260 -15.42 -3.78 14.29
N ASN A 261 -16.11 -3.31 15.31
CA ASN A 261 -17.49 -2.87 15.15
C ASN A 261 -17.53 -1.38 14.99
N GLY A 262 -17.23 -0.89 13.78
CA GLY A 262 -17.20 0.53 13.53
C GLY A 262 -18.51 1.12 13.08
N LYS A 263 -19.36 0.33 12.45
CA LYS A 263 -20.61 0.85 11.93
C LYS A 263 -20.30 1.66 10.67
N GLU A 264 -19.31 1.20 9.90
CA GLU A 264 -18.92 1.89 8.65
C GLU A 264 -20.13 2.24 7.77
N ASP A 265 -21.01 1.28 7.55
CA ASP A 265 -22.19 1.50 6.72
C ASP A 265 -23.02 2.65 7.25
N ALA A 266 -23.17 2.68 8.57
CA ALA A 266 -23.95 3.74 9.20
C ALA A 266 -23.22 5.06 9.04
N ILE A 267 -21.91 5.07 9.28
CA ILE A 267 -21.14 6.31 9.10
C ILE A 267 -21.29 6.80 7.70
N TRP A 268 -20.96 5.95 6.73
CA TRP A 268 -21.05 6.33 5.32
C TRP A 268 -22.41 6.81 4.94
N ASN A 269 -23.44 6.11 5.38
CA ASN A 269 -24.81 6.52 5.08
C ASN A 269 -25.13 7.93 5.58
N LEU A 270 -24.78 8.22 6.83
CA LEU A 270 -25.01 9.54 7.37
C LEU A 270 -24.30 10.59 6.53
N LEU A 271 -23.02 10.41 6.29
CA LEU A 271 -22.23 11.36 5.52
C LEU A 271 -22.83 11.68 4.16
N ARG A 272 -23.01 10.64 3.36
CA ARG A 272 -23.59 10.80 2.02
C ARG A 272 -24.88 11.61 2.03
N GLN A 273 -25.79 11.28 2.93
CA GLN A 273 -27.05 11.99 3.04
C GLN A 273 -26.78 13.42 3.47
N ALA A 274 -25.89 13.56 4.45
CA ALA A 274 -25.53 14.86 4.96
C ALA A 274 -24.95 15.69 3.82
N GLN A 275 -24.12 15.07 3.00
CA GLN A 275 -23.45 15.75 1.90
C GLN A 275 -24.44 16.20 0.83
N GLU A 276 -25.38 15.33 0.52
CA GLU A 276 -26.38 15.64 -0.52
C GLU A 276 -27.27 16.78 -0.07
N LYS A 277 -27.77 16.66 1.16
CA LYS A 277 -28.69 17.63 1.73
C LYS A 277 -28.08 18.95 2.22
N PHE A 278 -26.83 18.96 2.69
CA PHE A 278 -26.24 20.19 3.22
C PHE A 278 -24.86 20.56 2.69
N GLY A 279 -24.45 19.97 1.58
CA GLY A 279 -23.16 20.26 0.97
C GLY A 279 -23.07 21.67 0.46
N LYS A 280 -21.99 21.96 -0.26
CA LYS A 280 -21.75 23.29 -0.82
C LYS A 280 -23.04 23.80 -1.47
N ASP A 281 -23.64 24.83 -0.87
CA ASP A 281 -24.85 25.45 -1.40
C ASP A 281 -26.00 24.47 -1.69
N LYS A 282 -26.60 23.98 -0.61
CA LYS A 282 -27.75 23.09 -0.69
C LYS A 282 -28.87 23.67 0.18
N SER A 283 -28.49 24.19 1.34
CA SER A 283 -29.47 24.79 2.25
C SER A 283 -28.85 25.91 3.11
N PRO A 284 -29.43 27.12 3.09
CA PRO A 284 -28.91 28.27 3.85
C PRO A 284 -28.99 28.00 5.34
N ALA A 285 -30.02 27.27 5.71
CA ALA A 285 -30.25 26.90 7.09
C ALA A 285 -29.06 26.15 7.71
N PHE A 286 -28.23 25.51 6.88
CA PHE A 286 -27.09 24.75 7.41
C PHE A 286 -26.01 24.49 6.36
N GLN A 287 -24.77 24.56 6.81
CA GLN A 287 -23.62 24.30 5.94
C GLN A 287 -22.72 23.32 6.66
N LEU A 288 -22.71 22.08 6.17
CA LEU A 288 -21.88 21.04 6.76
C LEU A 288 -20.42 21.44 6.66
N PHE A 289 -20.09 22.16 5.60
CA PHE A 289 -18.73 22.57 5.38
C PHE A 289 -18.50 24.07 5.57
N GLY A 290 -19.32 24.68 6.42
CA GLY A 290 -19.21 26.10 6.75
C GLY A 290 -19.14 26.28 8.25
N SER A 291 -18.50 27.35 8.69
CA SER A 291 -18.34 27.61 10.12
C SER A 291 -18.59 29.07 10.46
N PRO A 292 -19.18 29.33 11.62
CA PRO A 292 -19.47 30.69 12.10
C PRO A 292 -18.32 31.66 11.94
N SER A 293 -18.64 32.95 11.75
CA SER A 293 -17.68 34.05 11.52
C SER A 293 -16.33 33.84 12.23
N GLY A 294 -16.30 34.12 13.53
CA GLY A 294 -15.07 33.98 14.28
C GLY A 294 -14.56 32.55 14.44
N GLN A 295 -15.15 31.60 13.72
CA GLN A 295 -14.72 30.20 13.83
C GLN A 295 -14.22 29.63 12.49
N LYS A 296 -13.50 28.51 12.54
CA LYS A 296 -12.95 27.87 11.34
C LYS A 296 -12.79 26.37 11.49
N ASP A 297 -13.15 25.62 10.44
CA ASP A 297 -13.04 24.17 10.35
C ASP A 297 -13.68 23.37 11.49
N LEU A 298 -14.92 23.64 11.80
CA LEU A 298 -15.63 22.88 12.83
C LEU A 298 -16.14 21.55 12.28
N LEU A 299 -15.62 20.47 12.86
CA LEU A 299 -15.99 19.10 12.48
C LEU A 299 -15.43 18.65 11.15
N PHE A 300 -15.40 19.55 10.17
CA PHE A 300 -14.86 19.28 8.85
C PHE A 300 -14.12 20.51 8.34
N LYS A 301 -13.37 20.37 7.24
CA LYS A 301 -12.66 21.50 6.68
C LYS A 301 -13.69 22.38 5.97
N ASP A 302 -13.66 23.67 6.21
CA ASP A 302 -14.60 24.54 5.54
C ASP A 302 -14.24 24.50 4.09
N SER A 303 -15.22 24.54 3.22
CA SER A 303 -14.98 24.54 1.78
C SER A 303 -14.61 23.18 1.20
N ALA A 304 -14.60 22.15 2.03
CA ALA A 304 -14.37 20.83 1.50
C ALA A 304 -15.60 20.62 0.61
N ILE A 305 -15.52 19.83 -0.44
CA ILE A 305 -16.71 19.68 -1.27
C ILE A 305 -17.43 18.33 -1.23
N GLY A 306 -17.12 17.46 -0.27
CA GLY A 306 -17.81 16.18 -0.16
C GLY A 306 -16.92 15.10 0.44
N PHE A 307 -17.41 13.86 0.47
CA PHE A 307 -16.63 12.73 0.97
C PHE A 307 -16.48 11.63 -0.06
N SER A 308 -15.38 10.90 0.05
CA SER A 308 -15.11 9.77 -0.84
C SER A 308 -14.91 8.54 0.06
N ARG A 309 -15.67 7.48 -0.17
CA ARG A 309 -15.53 6.27 0.64
C ARG A 309 -14.18 5.56 0.51
N VAL A 310 -13.58 5.21 1.65
CA VAL A 310 -12.28 4.53 1.66
C VAL A 310 -12.47 3.03 1.67
N PRO A 311 -11.86 2.34 0.73
CA PRO A 311 -11.93 0.88 0.67
C PRO A 311 -11.47 0.11 1.91
N PRO A 312 -12.16 -0.99 2.22
CA PRO A 312 -11.97 -1.85 3.40
C PRO A 312 -10.53 -2.31 3.67
N ARG A 313 -9.82 -2.73 2.65
CA ARG A 313 -8.47 -3.21 2.84
C ARG A 313 -7.51 -2.15 3.38
N ILE A 314 -7.86 -0.88 3.25
CA ILE A 314 -6.94 0.18 3.67
C ILE A 314 -6.96 0.41 5.14
N ASP A 315 -5.78 0.47 5.74
CA ASP A 315 -5.59 0.75 7.16
C ASP A 315 -4.84 2.08 7.24
N SER A 316 -4.51 2.54 8.45
CA SER A 316 -3.85 3.82 8.59
C SER A 316 -2.55 3.92 7.81
N GLY A 317 -1.71 2.92 7.90
CA GLY A 317 -0.46 2.95 7.16
C GLY A 317 -0.66 3.11 5.65
N LEU A 318 -1.44 2.24 5.06
CA LEU A 318 -1.68 2.31 3.62
C LEU A 318 -2.27 3.66 3.24
N TYR A 319 -3.16 4.18 4.05
CA TYR A 319 -3.79 5.46 3.74
C TYR A 319 -2.78 6.59 3.60
N LEU A 320 -1.84 6.65 4.53
CA LEU A 320 -0.86 7.71 4.57
C LEU A 320 0.16 7.66 3.46
N GLY A 321 0.36 6.51 2.84
CA GLY A 321 1.36 6.40 1.79
C GLY A 321 2.70 6.04 2.40
N SER A 322 3.53 5.33 1.65
CA SER A 322 4.82 4.89 2.18
C SER A 322 5.72 6.05 2.55
N GLY A 323 5.80 7.08 1.70
CA GLY A 323 6.63 8.25 2.01
C GLY A 323 6.28 8.91 3.33
N TYR A 324 5.03 9.36 3.42
CA TYR A 324 4.57 10.07 4.61
C TYR A 324 4.52 9.18 5.83
N PHE A 325 4.10 7.94 5.65
CA PHE A 325 4.00 6.99 6.76
C PHE A 325 5.37 6.75 7.36
N THR A 326 6.36 6.48 6.54
CA THR A 326 7.68 6.24 7.10
C THR A 326 8.36 7.53 7.54
N ALA A 327 7.87 8.66 7.03
CA ALA A 327 8.45 9.96 7.40
C ALA A 327 8.06 10.28 8.81
N ILE A 328 6.83 9.97 9.18
CA ILE A 328 6.37 10.20 10.55
C ILE A 328 7.30 9.42 11.47
N GLN A 329 7.36 8.13 11.24
CA GLN A 329 8.18 7.24 12.05
C GLN A 329 9.61 7.72 12.23
N ASN A 330 10.20 8.22 11.16
CA ASN A 330 11.58 8.67 11.23
C ASN A 330 11.81 9.88 12.14
N LEU A 331 10.76 10.58 12.53
CA LEU A 331 10.91 11.74 13.39
C LEU A 331 11.27 11.33 14.80
N ARG A 332 11.23 10.03 15.07
CA ARG A 332 11.54 9.50 16.39
C ARG A 332 12.77 8.60 16.31
N LYS A 333 13.59 8.80 15.28
CA LYS A 333 14.76 7.97 15.12
C LYS A 333 15.99 8.81 14.84
N SER A 334 17.15 8.24 15.08
CA SER A 334 18.41 8.92 14.87
C SER A 334 18.82 8.76 13.42
N GLU A 335 19.62 9.69 12.90
CA GLU A 335 20.05 9.60 11.52
C GLU A 335 20.76 8.28 11.19
N GLU A 336 21.36 7.65 12.21
CA GLU A 336 22.09 6.39 12.00
C GLU A 336 21.10 5.26 11.89
N GLU A 337 20.04 5.31 12.66
CA GLU A 337 19.05 4.25 12.60
C GLU A 337 18.30 4.30 11.26
N VAL A 338 18.03 5.51 10.80
CA VAL A 338 17.35 5.71 9.53
C VAL A 338 18.21 5.29 8.39
N ALA A 339 19.48 5.64 8.41
CA ALA A 339 20.36 5.28 7.31
C ALA A 339 20.62 3.78 7.26
N ALA A 340 20.56 3.13 8.42
CA ALA A 340 20.78 1.70 8.48
C ALA A 340 19.60 0.94 7.87
N ARG A 341 18.40 1.45 8.11
CA ARG A 341 17.19 0.84 7.56
C ARG A 341 17.22 1.03 6.04
N ARG A 342 17.70 2.18 5.60
CA ARG A 342 17.81 2.49 4.19
C ARG A 342 18.79 1.57 3.50
N ALA A 343 19.76 1.10 4.25
CA ALA A 343 20.76 0.22 3.67
C ALA A 343 20.34 -1.24 3.68
N ARG A 344 19.42 -1.64 4.54
CA ARG A 344 19.05 -3.04 4.59
C ARG A 344 17.82 -3.37 3.74
N VAL A 345 17.76 -4.63 3.27
CA VAL A 345 16.66 -5.14 2.47
C VAL A 345 15.80 -6.09 3.31
N VAL A 346 14.54 -5.71 3.52
CA VAL A 346 13.62 -6.57 4.26
C VAL A 346 12.74 -7.41 3.27
N TRP A 347 12.97 -8.72 3.27
CA TRP A 347 12.28 -9.62 2.38
C TRP A 347 10.95 -10.06 2.95
N CYS A 348 10.00 -10.30 2.06
CA CYS A 348 8.71 -10.77 2.54
C CYS A 348 8.52 -12.22 2.16
N ALA A 349 8.29 -13.06 3.16
CA ALA A 349 8.10 -14.48 2.96
C ALA A 349 6.64 -14.79 3.03
N VAL A 350 6.16 -15.63 2.13
CA VAL A 350 4.74 -16.01 2.14
C VAL A 350 4.66 -17.39 2.75
N GLY A 351 4.36 -17.45 4.04
CA GLY A 351 4.31 -18.72 4.74
C GLY A 351 5.48 -19.01 5.62
N GLU A 352 5.23 -19.87 6.58
CA GLU A 352 6.29 -20.22 7.57
C GLU A 352 7.49 -20.91 6.94
N GLN A 353 7.24 -21.72 5.90
CA GLN A 353 8.32 -22.42 5.23
C GLN A 353 9.26 -21.43 4.56
N GLU A 354 8.68 -20.40 3.94
CA GLU A 354 9.49 -19.38 3.28
C GLU A 354 10.20 -18.51 4.31
N LEU A 355 9.52 -18.22 5.41
CA LEU A 355 10.11 -17.43 6.48
C LEU A 355 11.33 -18.16 7.05
N ARG A 356 11.19 -19.47 7.17
CA ARG A 356 12.27 -20.29 7.71
C ARG A 356 13.49 -20.18 6.83
N LYS A 357 13.32 -20.42 5.53
CA LYS A 357 14.44 -20.34 4.62
C LYS A 357 15.00 -18.92 4.61
N CYS A 358 14.11 -17.93 4.74
CA CYS A 358 14.51 -16.52 4.75
C CYS A 358 15.41 -16.23 5.93
N ASN A 359 15.01 -16.72 7.09
CA ASN A 359 15.81 -16.50 8.31
C ASN A 359 17.22 -17.03 8.16
N GLN A 360 17.34 -18.21 7.57
CA GLN A 360 18.63 -18.83 7.34
C GLN A 360 19.51 -17.95 6.44
N TRP A 361 18.92 -17.36 5.41
CA TRP A 361 19.64 -16.48 4.48
C TRP A 361 20.06 -15.20 5.21
N SER A 362 19.18 -14.69 6.05
CA SER A 362 19.43 -13.47 6.82
C SER A 362 20.65 -13.62 7.72
N GLY A 363 20.60 -14.64 8.55
CA GLY A 363 21.70 -14.92 9.43
C GLY A 363 23.02 -15.00 8.68
N LEU A 364 23.02 -15.02 7.35
CA LEU A 364 24.28 -15.12 6.59
C LEU A 364 24.55 -13.95 5.65
N SER A 365 23.70 -12.94 5.71
CA SER A 365 23.82 -11.79 4.82
C SER A 365 24.69 -10.65 5.33
N GLU A 366 25.43 -10.87 6.43
CA GLU A 366 26.31 -9.86 6.99
C GLU A 366 25.54 -8.57 7.18
N GLY A 367 24.30 -8.68 7.61
CA GLY A 367 23.44 -7.54 7.89
C GLY A 367 22.70 -6.88 6.74
N SER A 368 22.86 -7.36 5.51
CA SER A 368 22.19 -6.73 4.38
C SER A 368 20.77 -7.21 4.16
N VAL A 369 20.36 -8.36 4.69
CA VAL A 369 18.99 -8.84 4.45
C VAL A 369 18.32 -9.32 5.71
N THR A 370 17.05 -8.94 5.90
CA THR A 370 16.26 -9.31 7.07
C THR A 370 14.90 -9.82 6.61
N CYS A 371 14.08 -10.38 7.50
CA CYS A 371 12.79 -10.94 7.04
C CYS A 371 11.51 -10.39 7.66
N SER A 372 10.40 -10.62 6.98
CA SER A 372 9.08 -10.21 7.43
C SER A 372 8.20 -11.23 6.80
N SER A 373 6.93 -11.32 7.16
CA SER A 373 6.10 -12.32 6.52
C SER A 373 4.60 -12.12 6.69
N ALA A 374 3.82 -12.80 5.84
CA ALA A 374 2.35 -12.75 5.83
C ALA A 374 1.86 -14.10 5.27
N SER A 375 0.57 -14.37 5.33
CA SER A 375 0.07 -15.65 4.87
C SER A 375 -0.38 -15.64 3.41
N THR A 376 -0.44 -14.48 2.77
CA THR A 376 -0.78 -14.41 1.34
C THR A 376 0.18 -13.46 0.67
N THR A 377 0.24 -13.55 -0.65
CA THR A 377 1.10 -12.69 -1.47
C THR A 377 0.58 -11.25 -1.47
N GLU A 378 -0.73 -11.11 -1.54
CA GLU A 378 -1.34 -9.80 -1.48
C GLU A 378 -1.02 -9.14 -0.18
N ASP A 379 -1.04 -9.87 0.93
CA ASP A 379 -0.71 -9.25 2.22
C ASP A 379 0.74 -8.83 2.22
N CYS A 380 1.60 -9.54 1.50
CA CYS A 380 3.00 -9.15 1.46
C CYS A 380 3.15 -7.85 0.65
N ILE A 381 2.36 -7.69 -0.40
CA ILE A 381 2.41 -6.49 -1.22
C ILE A 381 2.06 -5.26 -0.38
N ALA A 382 1.12 -5.44 0.53
CA ALA A 382 0.66 -4.37 1.39
C ALA A 382 1.77 -3.95 2.34
N LEU A 383 2.56 -4.89 2.81
CA LEU A 383 3.66 -4.53 3.69
C LEU A 383 4.75 -3.76 2.98
N VAL A 384 4.87 -3.96 1.68
CA VAL A 384 5.88 -3.24 0.93
C VAL A 384 5.39 -1.82 0.68
N LEU A 385 4.08 -1.65 0.58
CA LEU A 385 3.50 -0.32 0.41
C LEU A 385 3.67 0.49 1.72
N LYS A 386 3.54 -0.17 2.86
CA LYS A 386 3.70 0.46 4.17
C LYS A 386 5.19 0.60 4.60
N GLY A 387 6.10 0.09 3.79
CA GLY A 387 7.50 0.18 4.11
C GLY A 387 7.99 -0.78 5.14
N GLU A 388 7.15 -1.68 5.62
CA GLU A 388 7.61 -2.66 6.60
C GLU A 388 8.40 -3.75 5.91
N ALA A 389 8.27 -3.87 4.59
CA ALA A 389 9.04 -4.87 3.84
C ALA A 389 9.52 -4.16 2.61
N ASP A 390 10.53 -4.69 1.92
CA ASP A 390 10.99 -4.04 0.68
C ASP A 390 10.85 -4.87 -0.59
N ALA A 391 11.15 -6.16 -0.54
CA ALA A 391 11.16 -6.98 -1.77
C ALA A 391 10.65 -8.41 -1.68
N MET A 392 10.41 -9.01 -2.86
CA MET A 392 9.96 -10.38 -2.96
C MET A 392 9.91 -10.69 -4.44
N SER A 393 9.93 -11.98 -4.80
CA SER A 393 9.89 -12.43 -6.17
C SER A 393 8.47 -12.82 -6.39
N LEU A 394 7.89 -12.41 -7.54
CA LEU A 394 6.50 -12.67 -7.83
C LEU A 394 6.28 -13.24 -9.20
N ASP A 395 5.22 -14.02 -9.31
CA ASP A 395 4.80 -14.55 -10.58
C ASP A 395 4.24 -13.34 -11.35
N GLY A 396 4.26 -13.39 -12.68
CA GLY A 396 3.80 -12.29 -13.50
C GLY A 396 2.41 -11.78 -13.14
N GLY A 397 1.57 -12.70 -12.68
CA GLY A 397 0.23 -12.33 -12.33
C GLY A 397 0.17 -11.39 -11.16
N TYR A 398 1.11 -11.52 -10.25
CA TYR A 398 1.13 -10.66 -9.11
C TYR A 398 1.91 -9.40 -9.49
N VAL A 399 2.77 -9.48 -10.48
CA VAL A 399 3.48 -8.29 -10.92
C VAL A 399 2.48 -7.28 -11.44
N TYR A 400 1.33 -7.76 -11.92
CA TYR A 400 0.31 -6.88 -12.44
C TYR A 400 -0.26 -6.11 -11.26
N THR A 401 -0.74 -6.84 -10.28
CA THR A 401 -1.31 -6.22 -9.10
C THR A 401 -0.32 -5.27 -8.42
N ALA A 402 0.93 -5.69 -8.26
CA ALA A 402 1.96 -4.87 -7.64
C ALA A 402 2.21 -3.56 -8.41
N GLY A 403 2.13 -3.65 -9.74
CA GLY A 403 2.31 -2.50 -10.60
C GLY A 403 1.17 -1.51 -10.44
N LYS A 404 -0.06 -2.00 -10.48
CA LYS A 404 -1.20 -1.12 -10.31
C LYS A 404 -1.14 -0.46 -8.94
N CYS A 405 -0.31 -0.97 -8.05
CA CYS A 405 -0.16 -0.37 -6.74
C CYS A 405 1.11 0.49 -6.69
N GLY A 406 1.76 0.65 -7.82
CA GLY A 406 2.94 1.51 -7.86
C GLY A 406 4.31 0.89 -7.66
N LEU A 407 4.43 -0.41 -7.52
CA LEU A 407 5.72 -1.06 -7.33
C LEU A 407 6.33 -1.33 -8.69
N VAL A 408 7.61 -1.65 -8.77
CA VAL A 408 8.27 -1.89 -10.05
C VAL A 408 9.22 -3.08 -10.05
N PRO A 409 9.46 -3.67 -11.21
CA PRO A 409 10.40 -4.76 -11.38
C PRO A 409 11.85 -4.30 -11.29
N VAL A 410 12.72 -5.08 -10.64
CA VAL A 410 14.13 -4.72 -10.47
C VAL A 410 15.02 -5.72 -11.21
N LEU A 411 14.79 -7.01 -11.00
CA LEU A 411 15.54 -8.06 -11.66
C LEU A 411 14.61 -9.22 -11.94
N ALA A 412 14.94 -10.07 -12.88
CA ALA A 412 14.10 -11.22 -13.18
C ALA A 412 14.78 -12.54 -12.88
N GLU A 413 13.99 -13.59 -12.67
CA GLU A 413 14.53 -14.92 -12.48
C GLU A 413 14.85 -15.40 -13.88
N ASN A 414 16.12 -15.71 -14.15
CA ASN A 414 16.51 -16.25 -15.46
C ASN A 414 16.54 -17.75 -15.36
N TYR A 415 15.92 -18.46 -16.27
CA TYR A 415 15.92 -19.93 -16.19
C TYR A 415 16.88 -20.55 -17.22
N LYS A 416 17.27 -21.80 -17.01
CA LYS A 416 18.14 -22.46 -17.97
C LYS A 416 17.60 -22.14 -19.35
N SER A 417 18.17 -21.14 -20.02
CA SER A 417 17.74 -20.71 -21.34
C SER A 417 17.66 -21.87 -22.31
N GLN A 418 17.02 -21.64 -23.45
CA GLN A 418 16.94 -22.65 -24.50
C GLN A 418 18.40 -23.05 -24.74
N GLN A 419 18.65 -24.29 -25.17
CA GLN A 419 20.02 -24.81 -25.34
C GLN A 419 21.08 -23.89 -26.02
N SER A 420 21.26 -22.68 -25.49
CA SER A 420 22.38 -21.82 -25.87
C SER A 420 23.41 -22.38 -24.90
N SER A 421 22.84 -23.31 -24.12
CA SER A 421 23.37 -24.12 -23.04
C SER A 421 24.84 -24.26 -22.64
N ASP A 422 24.98 -24.08 -21.33
CA ASP A 422 26.19 -24.21 -20.55
C ASP A 422 26.04 -23.14 -19.48
N PRO A 423 26.38 -23.49 -18.25
CA PRO A 423 26.33 -22.53 -17.13
C PRO A 423 26.88 -21.15 -17.52
N ASP A 424 26.02 -20.40 -18.20
CA ASP A 424 26.35 -19.08 -18.77
C ASP A 424 27.07 -18.11 -17.86
N PRO A 425 28.26 -17.70 -18.28
CA PRO A 425 29.06 -16.68 -17.56
C PRO A 425 28.30 -15.37 -17.48
N ASN A 426 27.64 -14.96 -18.55
CA ASN A 426 26.87 -13.73 -18.54
C ASN A 426 25.38 -13.96 -18.35
N CYS A 427 25.03 -14.80 -17.37
CA CYS A 427 23.64 -15.07 -17.07
C CYS A 427 22.94 -13.76 -16.69
N VAL A 428 23.62 -12.96 -15.87
CA VAL A 428 23.05 -11.69 -15.40
C VAL A 428 22.72 -10.69 -16.50
N ASP A 429 23.28 -10.88 -17.69
CA ASP A 429 23.00 -9.95 -18.78
C ASP A 429 22.25 -10.58 -19.93
N ARG A 430 22.00 -11.88 -19.83
CA ARG A 430 21.27 -12.61 -20.87
C ARG A 430 19.77 -12.29 -20.83
N PRO A 431 19.19 -11.74 -21.91
CA PRO A 431 17.77 -11.40 -21.91
C PRO A 431 16.89 -12.59 -21.52
N VAL A 432 15.82 -12.31 -20.80
CA VAL A 432 14.94 -13.38 -20.35
C VAL A 432 14.16 -13.94 -21.51
N GLU A 433 13.72 -15.18 -21.43
CA GLU A 433 12.98 -15.78 -22.54
C GLU A 433 11.58 -16.23 -22.18
N GLY A 434 11.16 -15.99 -20.94
CA GLY A 434 9.85 -16.41 -20.51
C GLY A 434 9.81 -17.91 -20.40
N TYR A 435 8.68 -18.46 -19.96
CA TYR A 435 8.55 -19.90 -19.85
C TYR A 435 7.24 -20.38 -20.49
N LEU A 436 7.04 -21.69 -20.51
CA LEU A 436 5.87 -22.21 -21.20
C LEU A 436 4.80 -22.69 -20.28
N ALA A 437 3.61 -22.12 -20.41
CA ALA A 437 2.44 -22.55 -19.67
C ALA A 437 1.82 -23.73 -20.41
N VAL A 438 1.59 -24.83 -19.70
CA VAL A 438 1.02 -25.99 -20.35
C VAL A 438 -0.12 -26.54 -19.57
N ALA A 439 -0.87 -27.46 -20.19
CA ALA A 439 -1.97 -28.19 -19.55
C ALA A 439 -1.51 -29.64 -19.52
N VAL A 440 -1.43 -30.22 -18.33
CA VAL A 440 -0.92 -31.59 -18.20
C VAL A 440 -2.00 -32.59 -17.77
N VAL A 441 -1.99 -33.78 -18.39
CA VAL A 441 -2.94 -34.86 -18.09
C VAL A 441 -2.26 -36.23 -18.10
N ARG A 442 -2.94 -37.22 -17.54
CA ARG A 442 -2.39 -38.57 -17.50
C ARG A 442 -2.51 -39.18 -18.89
N ARG A 443 -1.48 -39.92 -19.30
CA ARG A 443 -1.47 -40.54 -20.63
C ARG A 443 -2.62 -41.51 -20.86
N SER A 444 -3.05 -42.20 -19.81
CA SER A 444 -4.14 -43.15 -19.95
C SER A 444 -5.47 -42.49 -20.32
N ASP A 445 -5.83 -41.38 -19.69
CA ASP A 445 -7.07 -40.68 -20.05
C ASP A 445 -7.02 -40.24 -21.50
N THR A 446 -7.08 -41.22 -22.42
CA THR A 446 -6.96 -40.98 -23.85
C THR A 446 -8.02 -40.10 -24.50
N SER A 447 -9.21 -40.05 -23.94
CA SER A 447 -10.29 -39.23 -24.50
C SER A 447 -10.10 -37.72 -24.26
N LEU A 448 -9.40 -37.37 -23.18
CA LEU A 448 -9.18 -35.96 -22.79
C LEU A 448 -8.38 -35.12 -23.78
N THR A 449 -8.99 -34.02 -24.23
CA THR A 449 -8.38 -33.03 -25.12
C THR A 449 -8.81 -31.62 -24.70
N TRP A 450 -8.22 -30.62 -25.33
CA TRP A 450 -8.56 -29.24 -24.99
C TRP A 450 -10.04 -28.96 -25.22
N ASN A 451 -10.61 -29.54 -26.26
CA ASN A 451 -12.01 -29.33 -26.61
C ASN A 451 -12.95 -29.94 -25.58
N SER A 452 -12.48 -30.89 -24.80
CA SER A 452 -13.33 -31.56 -23.82
C SER A 452 -12.84 -31.39 -22.38
N VAL A 453 -12.01 -30.38 -22.13
CA VAL A 453 -11.48 -30.18 -20.80
C VAL A 453 -12.55 -29.55 -19.91
N LYS A 454 -13.45 -28.79 -20.52
CA LYS A 454 -14.51 -28.17 -19.74
C LYS A 454 -15.41 -29.22 -19.06
N GLY A 455 -15.73 -28.99 -17.79
CA GLY A 455 -16.56 -29.90 -17.05
C GLY A 455 -15.81 -30.87 -16.16
N LYS A 456 -14.53 -31.14 -16.46
CA LYS A 456 -13.73 -32.08 -15.65
C LYS A 456 -13.16 -31.42 -14.39
N LYS A 457 -12.34 -32.14 -13.63
CA LYS A 457 -11.74 -31.60 -12.42
C LYS A 457 -10.37 -30.96 -12.77
N SER A 458 -10.09 -29.77 -12.22
CA SER A 458 -8.87 -29.06 -12.53
C SER A 458 -7.97 -28.74 -11.33
N CYS A 459 -6.68 -28.66 -11.58
CA CYS A 459 -5.67 -28.35 -10.57
C CYS A 459 -4.92 -27.09 -10.98
N HIS A 460 -4.89 -26.07 -10.11
CA HIS A 460 -4.22 -24.80 -10.41
C HIS A 460 -3.21 -24.44 -9.36
N THR A 461 -2.16 -23.73 -9.76
CA THR A 461 -1.13 -23.31 -8.82
C THR A 461 -1.73 -22.42 -7.79
N ALA A 462 -2.53 -21.45 -8.25
CA ALA A 462 -3.24 -20.50 -7.40
C ALA A 462 -3.97 -19.48 -8.27
N VAL A 463 -4.95 -18.80 -7.70
CA VAL A 463 -5.73 -17.80 -8.41
C VAL A 463 -4.79 -16.68 -8.74
N ASP A 464 -4.98 -16.03 -9.89
CA ASP A 464 -4.19 -14.88 -10.32
C ASP A 464 -2.74 -15.13 -10.71
N ARG A 465 -2.32 -16.37 -10.78
CA ARG A 465 -1.00 -16.66 -11.25
C ARG A 465 -1.04 -16.93 -12.78
N THR A 466 0.05 -16.63 -13.48
CA THR A 466 0.09 -16.83 -14.94
C THR A 466 -0.37 -18.22 -15.45
N ALA A 467 0.51 -19.20 -15.30
CA ALA A 467 0.23 -20.54 -15.83
C ALA A 467 -0.96 -21.22 -15.18
N GLY A 468 -1.14 -21.02 -13.88
CA GLY A 468 -2.22 -21.67 -13.15
C GLY A 468 -3.62 -21.08 -13.29
N TRP A 469 -3.71 -19.84 -13.73
CA TRP A 469 -4.97 -19.17 -13.82
C TRP A 469 -5.14 -18.22 -15.00
N ASN A 470 -4.44 -17.11 -15.00
CA ASN A 470 -4.65 -16.11 -16.03
C ASN A 470 -4.69 -16.66 -17.40
N ILE A 471 -3.77 -17.53 -17.76
CA ILE A 471 -3.72 -18.09 -19.11
C ILE A 471 -4.80 -19.11 -19.41
N PRO A 472 -4.98 -20.13 -18.60
CA PRO A 472 -6.06 -21.13 -18.84
C PRO A 472 -7.46 -20.48 -18.89
N MET A 473 -7.85 -19.86 -17.79
CA MET A 473 -9.15 -19.24 -17.66
C MET A 473 -9.35 -18.16 -18.73
N GLY A 474 -8.30 -17.41 -19.04
CA GLY A 474 -8.39 -16.39 -20.04
C GLY A 474 -8.77 -16.97 -21.37
N LEU A 475 -8.22 -18.12 -21.71
CA LEU A 475 -8.53 -18.76 -22.96
C LEU A 475 -9.98 -19.22 -22.99
N LEU A 476 -10.43 -19.82 -21.89
CA LEU A 476 -11.80 -20.31 -21.78
C LEU A 476 -12.80 -19.16 -21.84
N PHE A 477 -12.51 -18.11 -21.08
CA PHE A 477 -13.32 -16.92 -21.03
C PHE A 477 -13.48 -16.31 -22.41
N ASN A 478 -12.44 -16.35 -23.21
CA ASN A 478 -12.49 -15.72 -24.53
C ASN A 478 -13.52 -16.43 -25.40
N GLN A 479 -13.81 -17.68 -25.06
CA GLN A 479 -14.81 -18.44 -25.79
C GLN A 479 -16.21 -18.10 -25.29
N THR A 480 -16.59 -18.69 -24.16
CA THR A 480 -17.94 -18.48 -23.62
C THR A 480 -18.32 -17.02 -23.42
N GLY A 481 -17.60 -16.31 -22.58
CA GLY A 481 -17.94 -14.93 -22.27
C GLY A 481 -18.51 -14.89 -20.86
N SER A 482 -18.56 -16.03 -20.19
CA SER A 482 -19.08 -16.12 -18.82
C SER A 482 -18.02 -15.69 -17.82
N CYS A 483 -18.47 -15.00 -16.78
CA CYS A 483 -17.63 -14.52 -15.69
C CYS A 483 -17.77 -15.50 -14.54
N LYS A 484 -18.60 -16.51 -14.74
CA LYS A 484 -18.83 -17.50 -13.71
C LYS A 484 -17.69 -18.51 -13.74
N PHE A 485 -16.51 -18.12 -13.25
CA PHE A 485 -15.34 -19.00 -13.28
C PHE A 485 -15.52 -20.29 -12.51
N ASP A 486 -16.43 -20.34 -11.54
CA ASP A 486 -16.58 -21.56 -10.74
C ASP A 486 -17.47 -22.62 -11.39
N GLU A 487 -17.81 -22.40 -12.66
CA GLU A 487 -18.63 -23.31 -13.43
C GLU A 487 -17.85 -23.86 -14.62
N TYR A 488 -16.64 -23.38 -14.83
CA TYR A 488 -15.82 -23.85 -15.95
C TYR A 488 -15.48 -25.33 -15.74
N PHE A 489 -15.29 -25.72 -14.48
CA PHE A 489 -14.95 -27.09 -14.14
C PHE A 489 -15.85 -27.54 -13.01
N SER A 490 -16.10 -28.84 -12.94
CA SER A 490 -16.96 -29.42 -11.89
C SER A 490 -16.37 -29.21 -10.51
N GLN A 491 -15.07 -29.44 -10.38
CA GLN A 491 -14.39 -29.28 -9.10
C GLN A 491 -12.91 -28.94 -9.35
N SER A 492 -12.29 -28.23 -8.42
CA SER A 492 -10.90 -27.85 -8.60
C SER A 492 -10.23 -27.60 -7.29
N CYS A 493 -8.92 -27.37 -7.38
CA CYS A 493 -8.15 -26.90 -6.26
C CYS A 493 -7.45 -25.69 -6.89
N ALA A 494 -7.92 -24.50 -6.48
CA ALA A 494 -7.39 -23.24 -6.95
C ALA A 494 -7.19 -22.42 -5.72
N PRO A 495 -6.05 -22.63 -5.07
CA PRO A 495 -5.74 -21.91 -3.84
C PRO A 495 -5.97 -20.40 -3.91
N GLY A 496 -6.52 -19.82 -2.86
CA GLY A 496 -6.83 -18.41 -2.79
C GLY A 496 -8.27 -18.15 -3.10
N ARG A 497 -8.98 -19.22 -3.44
CA ARG A 497 -10.40 -19.15 -3.72
C ARG A 497 -11.22 -19.27 -2.43
N ASP A 498 -12.53 -19.05 -2.57
CA ASP A 498 -13.47 -19.16 -1.47
C ASP A 498 -13.60 -20.60 -1.02
N PRO A 499 -13.22 -20.89 0.23
CA PRO A 499 -13.20 -22.25 0.75
C PRO A 499 -14.50 -23.02 0.48
N ARG A 500 -15.64 -22.39 0.69
CA ARG A 500 -16.89 -23.12 0.48
C ARG A 500 -17.24 -23.26 -1.02
N SER A 501 -16.33 -22.85 -1.90
CA SER A 501 -16.55 -22.93 -3.34
C SER A 501 -16.02 -24.25 -3.93
N ASN A 502 -16.46 -24.56 -5.15
CA ASN A 502 -16.01 -25.75 -5.84
C ASN A 502 -14.53 -25.64 -6.26
N LEU A 503 -14.07 -24.39 -6.38
CA LEU A 503 -12.71 -24.12 -6.75
C LEU A 503 -11.77 -24.54 -5.63
N CYS A 504 -12.31 -25.01 -4.53
CA CYS A 504 -11.51 -25.43 -3.39
C CYS A 504 -11.71 -26.88 -3.01
N ALA A 505 -12.71 -27.52 -3.62
CA ALA A 505 -13.12 -28.89 -3.32
C ALA A 505 -12.02 -29.95 -3.27
N LEU A 506 -11.09 -29.93 -4.22
CA LEU A 506 -10.03 -30.94 -4.29
C LEU A 506 -8.82 -30.62 -3.44
N CYS A 507 -8.75 -29.41 -2.94
CA CYS A 507 -7.60 -29.03 -2.12
C CYS A 507 -7.55 -29.92 -0.88
N ILE A 508 -6.37 -30.15 -0.31
CA ILE A 508 -6.25 -30.98 0.87
C ILE A 508 -5.53 -30.34 2.07
N GLY A 509 -5.21 -29.05 2.01
CA GLY A 509 -4.56 -28.40 3.13
C GLY A 509 -3.29 -29.12 3.55
N ASP A 510 -2.81 -28.82 4.77
CA ASP A 510 -1.59 -29.43 5.30
C ASP A 510 -1.77 -30.88 5.76
N GLU A 511 -0.69 -31.45 6.29
CA GLU A 511 -0.66 -32.84 6.77
C GLU A 511 -1.76 -33.10 7.80
N GLN A 512 -2.03 -32.09 8.64
CA GLN A 512 -3.08 -32.17 9.64
C GLN A 512 -4.42 -32.11 8.98
N GLY A 513 -4.47 -31.55 7.77
CA GLY A 513 -5.72 -31.38 7.05
C GLY A 513 -6.31 -29.99 7.30
N GLU A 514 -5.43 -29.03 7.56
CA GLU A 514 -5.87 -27.65 7.78
C GLU A 514 -5.34 -26.73 6.69
N ASN A 515 -5.84 -25.50 6.67
CA ASN A 515 -5.42 -24.51 5.68
C ASN A 515 -5.85 -24.88 4.24
N LYS A 516 -6.97 -25.56 4.12
CA LYS A 516 -7.43 -25.95 2.83
C LYS A 516 -7.57 -24.69 1.99
N CYS A 517 -7.08 -24.75 0.75
CA CYS A 517 -7.19 -23.64 -0.18
C CYS A 517 -6.38 -22.38 0.15
N VAL A 518 -5.53 -22.41 1.15
CA VAL A 518 -4.77 -21.22 1.44
C VAL A 518 -3.70 -21.00 0.36
N PRO A 519 -3.46 -19.76 -0.05
CA PRO A 519 -2.46 -19.46 -1.09
C PRO A 519 -1.00 -19.45 -0.65
N ASN A 520 -0.55 -20.45 0.09
CA ASN A 520 0.85 -20.57 0.46
C ASN A 520 1.24 -22.03 0.53
N SER A 521 2.53 -22.32 0.72
CA SER A 521 3.02 -23.71 0.74
C SER A 521 2.40 -24.67 1.80
N ASN A 522 1.61 -24.21 2.75
CA ASN A 522 1.04 -25.14 3.71
C ASN A 522 -0.02 -26.01 3.03
N GLU A 523 -0.65 -25.48 1.99
CA GLU A 523 -1.60 -26.25 1.20
C GLU A 523 -0.73 -27.12 0.32
N ARG A 524 -0.81 -28.41 0.52
CA ARG A 524 0.04 -29.34 -0.22
C ARG A 524 -0.13 -29.26 -1.73
N TYR A 525 -1.31 -28.86 -2.18
CA TYR A 525 -1.54 -28.74 -3.61
C TYR A 525 -1.25 -27.33 -4.18
N TYR A 526 -0.47 -26.52 -3.48
CA TYR A 526 -0.22 -25.14 -3.88
C TYR A 526 0.98 -25.01 -4.80
N GLY A 527 0.88 -24.11 -5.76
CA GLY A 527 1.99 -23.81 -6.66
C GLY A 527 2.19 -24.78 -7.78
N TYR A 528 3.36 -24.65 -8.43
CA TYR A 528 3.75 -25.49 -9.56
C TYR A 528 3.77 -26.98 -9.14
N THR A 529 4.54 -27.28 -8.11
CA THR A 529 4.68 -28.61 -7.62
C THR A 529 3.37 -29.16 -7.06
N GLY A 530 2.61 -28.33 -6.33
CA GLY A 530 1.37 -28.75 -5.72
C GLY A 530 0.28 -29.09 -6.71
N ALA A 531 0.17 -28.33 -7.79
CA ALA A 531 -0.84 -28.57 -8.81
C ALA A 531 -0.51 -29.85 -9.56
N PHE A 532 0.79 -30.15 -9.73
CA PHE A 532 1.20 -31.38 -10.40
C PHE A 532 0.78 -32.53 -9.54
N ARG A 533 1.06 -32.43 -8.25
CA ARG A 533 0.73 -33.48 -7.32
C ARG A 533 -0.76 -33.77 -7.32
N CYS A 534 -1.54 -32.70 -7.43
CA CYS A 534 -2.98 -32.81 -7.48
C CYS A 534 -3.40 -33.75 -8.62
N LEU A 535 -2.65 -33.72 -9.73
CA LEU A 535 -2.92 -34.57 -10.89
C LEU A 535 -2.42 -36.01 -10.68
N ALA A 536 -1.17 -36.13 -10.26
CA ALA A 536 -0.51 -37.42 -10.05
C ALA A 536 -1.21 -38.27 -8.99
N GLU A 537 -1.90 -37.62 -8.06
CA GLU A 537 -2.63 -38.34 -7.01
C GLU A 537 -4.06 -38.52 -7.43
N ASN A 538 -4.36 -38.24 -8.70
CA ASN A 538 -5.69 -38.48 -9.24
C ASN A 538 -6.84 -37.63 -8.67
N ALA A 539 -6.53 -36.48 -8.07
CA ALA A 539 -7.57 -35.60 -7.61
C ALA A 539 -8.22 -34.93 -8.78
N GLY A 540 -7.42 -34.31 -9.64
CA GLY A 540 -7.93 -33.60 -10.81
C GLY A 540 -7.62 -34.37 -12.07
N ASP A 541 -8.08 -33.89 -13.23
CA ASP A 541 -7.83 -34.55 -14.50
C ASP A 541 -6.84 -33.76 -15.39
N VAL A 542 -6.59 -32.51 -15.03
CA VAL A 542 -5.69 -31.66 -15.75
C VAL A 542 -5.03 -30.70 -14.80
N ALA A 543 -3.75 -30.44 -14.99
CA ALA A 543 -3.01 -29.52 -14.13
C ALA A 543 -2.44 -28.40 -15.01
N PHE A 544 -2.61 -27.17 -14.54
CA PHE A 544 -2.14 -26.02 -15.26
C PHE A 544 -0.86 -25.53 -14.62
N VAL A 545 0.27 -25.94 -15.21
CA VAL A 545 1.58 -25.62 -14.70
C VAL A 545 2.52 -25.29 -15.84
N LYS A 546 3.83 -25.39 -15.63
CA LYS A 546 4.79 -25.17 -16.72
C LYS A 546 5.46 -26.48 -17.07
N ASP A 547 6.06 -26.56 -18.26
CA ASP A 547 6.66 -27.84 -18.71
C ASP A 547 7.74 -28.43 -17.81
N VAL A 548 8.64 -27.60 -17.32
CA VAL A 548 9.72 -28.12 -16.47
C VAL A 548 9.22 -28.72 -15.14
N THR A 549 8.00 -28.40 -14.75
CA THR A 549 7.46 -28.92 -13.51
C THR A 549 7.35 -30.44 -13.56
N VAL A 550 6.88 -30.94 -14.68
CA VAL A 550 6.71 -32.36 -14.87
C VAL A 550 8.10 -33.02 -14.86
N LEU A 551 9.03 -32.43 -15.60
CA LEU A 551 10.41 -32.92 -15.65
C LEU A 551 11.00 -32.99 -14.25
N GLN A 552 10.97 -31.88 -13.52
CA GLN A 552 11.55 -31.86 -12.19
C GLN A 552 10.87 -32.79 -11.15
N ASN A 553 9.75 -33.40 -11.49
CA ASN A 553 9.04 -34.20 -10.51
C ASN A 553 8.75 -35.63 -10.93
N THR A 554 9.39 -36.09 -11.97
CA THR A 554 9.22 -37.49 -12.36
C THR A 554 10.59 -38.08 -12.54
N ASP A 555 10.61 -39.40 -12.82
CA ASP A 555 11.86 -40.16 -13.04
C ASP A 555 12.84 -39.98 -11.86
N GLY A 556 12.30 -40.10 -10.65
CA GLY A 556 13.11 -39.98 -9.45
C GLY A 556 13.73 -38.62 -9.22
N ASN A 557 13.47 -37.65 -10.09
CA ASN A 557 14.03 -36.32 -9.90
C ASN A 557 13.54 -35.68 -8.59
N ASN A 558 12.49 -36.25 -8.03
CA ASN A 558 11.92 -35.80 -6.77
C ASN A 558 11.76 -37.09 -5.98
N ASN A 559 12.56 -37.31 -4.96
CA ASN A 559 12.46 -38.59 -4.24
C ASN A 559 11.53 -38.55 -3.05
N GLU A 560 10.46 -37.79 -3.14
CA GLU A 560 9.44 -37.77 -2.09
C GLU A 560 8.52 -38.94 -2.35
N ALA A 561 7.74 -39.32 -1.36
CA ALA A 561 6.85 -40.46 -1.47
C ALA A 561 5.86 -40.35 -2.64
N TRP A 562 4.99 -39.35 -2.65
CA TRP A 562 3.99 -39.21 -3.73
C TRP A 562 4.56 -39.21 -5.13
N ALA A 563 5.81 -38.77 -5.27
CA ALA A 563 6.44 -38.62 -6.58
C ALA A 563 7.54 -39.61 -6.94
N LYS A 564 8.08 -40.32 -5.96
CA LYS A 564 9.21 -41.25 -6.18
C LYS A 564 9.12 -42.12 -7.44
N ASP A 565 7.95 -42.68 -7.74
CA ASP A 565 7.83 -43.58 -8.90
C ASP A 565 7.27 -43.04 -10.20
N LEU A 566 6.81 -41.80 -10.21
CA LEU A 566 6.22 -41.21 -11.43
C LEU A 566 7.18 -41.21 -12.58
N LYS A 567 6.68 -41.51 -13.77
CA LYS A 567 7.50 -41.51 -14.98
C LYS A 567 7.01 -40.47 -16.00
N LEU A 568 7.96 -39.81 -16.65
CA LEU A 568 7.66 -38.81 -17.63
C LEU A 568 6.71 -39.28 -18.74
N ALA A 569 6.68 -40.58 -19.01
CA ALA A 569 5.87 -41.12 -20.10
C ALA A 569 4.43 -41.34 -19.70
N ASP A 570 4.14 -41.26 -18.40
CA ASP A 570 2.75 -41.41 -17.94
C ASP A 570 1.98 -40.11 -18.07
N PHE A 571 2.58 -39.10 -18.66
CA PHE A 571 1.94 -37.80 -18.76
C PHE A 571 1.99 -37.25 -20.16
N ALA A 572 1.04 -36.39 -20.50
CA ALA A 572 1.03 -35.76 -21.80
C ALA A 572 0.42 -34.37 -21.71
N LEU A 573 0.59 -33.58 -22.77
CA LEU A 573 0.08 -32.22 -22.86
C LEU A 573 -1.10 -32.10 -23.81
N LEU A 574 -1.97 -31.13 -23.57
CA LEU A 574 -3.11 -30.89 -24.42
C LEU A 574 -2.70 -29.70 -25.24
N CYS A 575 -2.70 -29.83 -26.56
CA CYS A 575 -2.38 -28.72 -27.45
C CYS A 575 -3.66 -27.99 -27.87
N LEU A 576 -3.55 -26.71 -28.19
CA LEU A 576 -4.73 -25.93 -28.55
C LEU A 576 -5.43 -26.43 -29.82
N ASP A 577 -4.77 -27.25 -30.63
CA ASP A 577 -5.38 -27.73 -31.85
C ASP A 577 -6.17 -28.99 -31.61
N GLY A 578 -6.30 -29.43 -30.37
CA GLY A 578 -7.06 -30.64 -30.07
C GLY A 578 -6.20 -31.88 -29.97
N LYS A 579 -4.93 -31.77 -30.37
CA LYS A 579 -4.02 -32.91 -30.29
C LYS A 579 -3.39 -33.07 -28.91
N ARG A 580 -2.57 -34.10 -28.71
CA ARG A 580 -1.88 -34.32 -27.44
C ARG A 580 -0.45 -34.77 -27.72
N LYS A 581 0.51 -34.25 -26.96
CA LYS A 581 1.90 -34.62 -27.20
C LYS A 581 2.62 -34.93 -25.91
N PRO A 582 3.79 -35.54 -26.02
CA PRO A 582 4.63 -35.78 -24.83
C PRO A 582 5.16 -34.48 -24.25
N VAL A 583 5.49 -34.50 -22.97
CA VAL A 583 5.97 -33.32 -22.27
C VAL A 583 7.19 -32.73 -22.99
N THR A 584 8.01 -33.59 -23.58
CA THR A 584 9.21 -33.13 -24.25
C THR A 584 8.94 -32.29 -25.47
N GLU A 585 7.69 -32.24 -25.91
CA GLU A 585 7.33 -31.47 -27.12
C GLU A 585 6.53 -30.22 -26.79
N ALA A 586 6.77 -29.66 -25.62
CA ALA A 586 6.06 -28.48 -25.16
C ALA A 586 6.25 -27.22 -26.05
N ARG A 587 7.35 -27.15 -26.80
CA ARG A 587 7.60 -25.97 -27.65
C ARG A 587 6.58 -25.88 -28.77
N SER A 588 5.93 -26.99 -29.09
CA SER A 588 4.90 -27.02 -30.11
C SER A 588 3.54 -27.32 -29.50
N CYS A 589 3.48 -27.38 -28.17
CA CYS A 589 2.23 -27.73 -27.51
C CYS A 589 2.11 -27.01 -26.17
N HIS A 590 1.92 -25.71 -26.21
CA HIS A 590 1.75 -24.94 -25.01
C HIS A 590 0.58 -23.98 -25.14
N LEU A 591 0.05 -23.52 -24.03
CA LEU A 591 -1.08 -22.59 -24.10
C LEU A 591 -0.62 -21.16 -24.35
N ALA A 592 0.55 -20.81 -23.85
CA ALA A 592 1.06 -19.46 -24.05
C ALA A 592 2.44 -19.32 -23.44
N MET A 593 3.09 -18.19 -23.69
CA MET A 593 4.42 -17.97 -23.16
C MET A 593 4.23 -16.99 -22.02
N ALA A 594 4.76 -17.33 -20.85
CA ALA A 594 4.60 -16.51 -19.66
C ALA A 594 5.87 -15.72 -19.34
N PRO A 595 5.71 -14.49 -18.83
CA PRO A 595 6.86 -13.66 -18.47
C PRO A 595 7.57 -14.23 -17.23
N ASN A 596 8.89 -14.20 -17.18
CA ASN A 596 9.65 -14.69 -16.04
C ASN A 596 9.15 -14.05 -14.74
N HIS A 597 9.30 -14.77 -13.62
CA HIS A 597 8.93 -14.20 -12.35
C HIS A 597 9.93 -13.09 -12.09
N ALA A 598 9.54 -12.08 -11.33
CA ALA A 598 10.43 -10.96 -11.08
C ALA A 598 10.39 -10.43 -9.68
N VAL A 599 11.49 -9.79 -9.29
CA VAL A 599 11.61 -9.17 -7.98
C VAL A 599 11.07 -7.77 -8.15
N VAL A 600 10.20 -7.35 -7.21
CA VAL A 600 9.61 -6.02 -7.21
C VAL A 600 9.90 -5.30 -5.92
N SER A 601 9.83 -3.97 -5.95
CA SER A 601 10.07 -3.16 -4.77
C SER A 601 9.54 -1.79 -5.03
N ARG A 602 9.69 -0.90 -4.07
CA ARG A 602 9.27 0.50 -4.25
C ARG A 602 10.36 1.20 -5.03
N MET A 603 10.02 2.31 -5.67
CA MET A 603 11.01 3.07 -6.45
C MET A 603 12.24 3.54 -5.66
N ASP A 604 12.05 3.86 -4.40
CA ASP A 604 13.14 4.35 -3.56
C ASP A 604 14.15 3.29 -3.12
N LYS A 605 13.94 2.02 -3.42
CA LYS A 605 14.83 0.96 -2.97
C LYS A 605 15.58 0.27 -4.09
N VAL A 606 15.18 0.56 -5.33
CA VAL A 606 15.74 -0.09 -6.51
C VAL A 606 17.26 -0.22 -6.57
N GLU A 607 17.99 0.89 -6.41
CA GLU A 607 19.45 0.81 -6.49
C GLU A 607 20.10 -0.06 -5.40
N ARG A 608 19.72 0.20 -4.15
CA ARG A 608 20.26 -0.54 -3.05
C ARG A 608 19.94 -2.05 -3.18
N LEU A 609 18.68 -2.37 -3.39
CA LEU A 609 18.25 -3.76 -3.57
C LEU A 609 19.09 -4.46 -4.65
N LYS A 610 19.33 -3.75 -5.73
CA LYS A 610 20.07 -4.31 -6.83
C LYS A 610 21.51 -4.66 -6.48
N GLN A 611 22.21 -3.78 -5.80
CA GLN A 611 23.59 -4.10 -5.44
C GLN A 611 23.65 -5.24 -4.41
N VAL A 612 22.68 -5.30 -3.51
CA VAL A 612 22.65 -6.36 -2.53
C VAL A 612 22.41 -7.73 -3.19
N LEU A 613 21.34 -7.85 -3.98
CA LEU A 613 21.03 -9.11 -4.65
C LEU A 613 22.16 -9.59 -5.51
N LEU A 614 22.80 -8.69 -6.23
CA LEU A 614 23.92 -9.08 -7.09
C LEU A 614 25.05 -9.68 -6.25
N HIS A 615 25.33 -9.03 -5.14
CA HIS A 615 26.37 -9.48 -4.23
C HIS A 615 25.96 -10.83 -3.66
N GLN A 616 24.79 -10.88 -3.03
CA GLN A 616 24.29 -12.11 -2.41
C GLN A 616 24.28 -13.30 -3.35
N GLN A 617 23.88 -13.12 -4.60
CA GLN A 617 23.80 -14.26 -5.52
C GLN A 617 25.20 -14.74 -5.98
N ALA A 618 26.18 -13.87 -5.86
CA ALA A 618 27.54 -14.24 -6.22
C ALA A 618 28.06 -15.18 -5.15
N LYS A 619 27.50 -15.05 -3.95
CA LYS A 619 27.90 -15.87 -2.82
C LYS A 619 27.07 -17.14 -2.67
N PHE A 620 25.75 -16.99 -2.71
CA PHE A 620 24.86 -18.14 -2.54
C PHE A 620 24.11 -18.55 -3.80
N GLY A 621 24.54 -18.04 -4.95
CA GLY A 621 23.88 -18.36 -6.20
C GLY A 621 24.25 -19.72 -6.75
N ARG A 622 23.80 -19.96 -7.98
CA ARG A 622 24.04 -21.23 -8.66
C ARG A 622 25.53 -21.59 -8.64
N ASN A 623 26.38 -20.69 -9.12
CA ASN A 623 27.80 -20.92 -9.05
C ASN A 623 28.27 -20.09 -7.86
N GLY A 624 27.49 -20.09 -6.79
CA GLY A 624 27.84 -19.30 -5.63
C GLY A 624 29.03 -19.90 -4.90
N SER A 625 30.03 -19.07 -4.65
CA SER A 625 31.20 -19.52 -3.91
C SER A 625 30.75 -20.42 -2.76
N ASP A 626 29.97 -19.87 -1.84
CA ASP A 626 29.50 -20.63 -0.68
C ASP A 626 28.16 -21.35 -0.84
N CYS A 627 27.81 -21.83 -2.04
CA CYS A 627 26.50 -22.48 -2.19
C CYS A 627 26.42 -23.88 -1.53
N PRO A 628 26.86 -24.98 -2.15
CA PRO A 628 26.61 -26.25 -1.47
C PRO A 628 27.12 -26.20 -0.02
N ASP A 629 28.34 -25.74 0.19
CA ASP A 629 28.91 -25.76 1.53
C ASP A 629 28.04 -25.10 2.58
N LYS A 630 27.58 -23.88 2.33
CA LYS A 630 26.82 -23.17 3.36
C LYS A 630 25.35 -22.98 3.05
N PHE A 631 25.04 -22.30 1.96
CA PHE A 631 23.66 -21.98 1.64
C PHE A 631 23.47 -21.69 0.16
N CYS A 632 22.35 -22.16 -0.40
CA CYS A 632 22.04 -21.86 -1.79
C CYS A 632 20.68 -21.20 -1.82
N LEU A 633 20.61 -20.03 -2.45
CA LEU A 633 19.37 -19.25 -2.60
C LEU A 633 18.31 -19.93 -3.44
N PHE A 634 18.73 -20.46 -4.59
CA PHE A 634 17.82 -21.08 -5.55
C PHE A 634 17.61 -22.56 -5.33
N GLN A 635 17.75 -23.04 -4.11
CA GLN A 635 17.54 -24.45 -3.82
C GLN A 635 16.63 -24.59 -2.61
N SER A 636 15.74 -25.56 -2.64
CA SER A 636 14.81 -25.78 -1.55
C SER A 636 14.17 -27.15 -1.73
N GLU A 637 14.66 -27.87 -2.74
CA GLU A 637 14.16 -29.19 -3.14
C GLU A 637 12.66 -29.20 -3.48
N THR A 638 12.36 -28.80 -4.73
CA THR A 638 11.02 -28.76 -5.34
C THR A 638 9.93 -27.99 -4.60
N LYS A 639 10.29 -27.26 -3.58
CA LYS A 639 9.30 -26.52 -2.85
C LYS A 639 9.21 -25.12 -3.40
N ASN A 640 10.19 -24.72 -4.22
CA ASN A 640 10.23 -23.40 -4.83
C ASN A 640 9.99 -22.30 -3.80
N LEU A 641 10.79 -22.29 -2.74
CA LEU A 641 10.66 -21.33 -1.68
C LEU A 641 11.46 -20.06 -1.96
N LEU A 642 10.76 -18.93 -1.98
CA LEU A 642 11.31 -17.58 -2.24
C LEU A 642 11.67 -17.33 -3.69
N PHE A 643 12.15 -18.35 -4.38
CA PHE A 643 12.51 -18.25 -5.78
C PHE A 643 12.19 -19.59 -6.41
N ASN A 644 12.19 -19.69 -7.74
CA ASN A 644 11.97 -20.96 -8.41
C ASN A 644 13.29 -21.73 -8.34
N ASP A 645 13.21 -23.02 -8.03
CA ASP A 645 14.42 -23.82 -7.86
C ASP A 645 15.26 -23.92 -9.12
N ASN A 646 14.64 -23.70 -10.28
CA ASN A 646 15.38 -23.76 -11.53
C ASN A 646 15.93 -22.39 -12.00
N THR A 647 15.97 -21.42 -11.09
CA THR A 647 16.51 -20.11 -11.38
C THR A 647 18.02 -20.23 -11.55
N GLU A 648 18.53 -19.75 -12.66
CA GLU A 648 19.97 -19.79 -12.87
C GLU A 648 20.59 -18.61 -12.15
N CYS A 649 20.04 -17.42 -12.40
CA CYS A 649 20.51 -16.20 -11.77
C CYS A 649 19.40 -15.15 -11.79
N LEU A 650 19.62 -14.04 -11.08
CA LEU A 650 18.70 -12.92 -11.11
C LEU A 650 19.32 -12.02 -12.16
N ALA A 651 18.57 -11.66 -13.18
CA ALA A 651 19.14 -10.86 -14.28
C ALA A 651 18.52 -9.48 -14.48
N ARG A 652 19.18 -8.68 -15.29
CA ARG A 652 18.76 -7.32 -15.56
C ARG A 652 17.63 -7.23 -16.56
N LEU A 653 16.80 -6.22 -16.41
CA LEU A 653 15.58 -6.01 -17.19
C LEU A 653 15.78 -5.38 -18.56
N HIS A 654 16.96 -4.82 -18.82
CA HIS A 654 17.25 -4.19 -20.11
C HIS A 654 16.20 -3.14 -20.50
N GLY A 655 15.92 -2.19 -19.62
CA GLY A 655 14.96 -1.16 -19.97
C GLY A 655 13.51 -1.41 -19.61
N LYS A 656 13.08 -2.67 -19.47
CA LYS A 656 11.69 -2.96 -19.14
C LYS A 656 11.49 -2.71 -17.67
N THR A 657 11.54 -1.44 -17.29
CA THR A 657 11.48 -1.02 -15.88
C THR A 657 10.10 -0.77 -15.28
N THR A 658 9.04 -0.89 -16.07
CA THR A 658 7.67 -0.74 -15.57
C THR A 658 6.95 -2.05 -15.80
N TYR A 659 5.90 -2.32 -15.03
CA TYR A 659 5.17 -3.56 -15.20
C TYR A 659 4.54 -3.71 -16.57
N GLU A 660 4.16 -2.60 -17.19
CA GLU A 660 3.56 -2.62 -18.53
C GLU A 660 4.56 -3.09 -19.57
N LYS A 661 5.76 -2.53 -19.50
CA LYS A 661 6.80 -2.89 -20.46
C LYS A 661 7.30 -4.27 -20.20
N TYR A 662 7.41 -4.64 -18.93
CA TYR A 662 7.93 -5.97 -18.55
C TYR A 662 6.96 -7.08 -18.89
N LEU A 663 5.72 -6.92 -18.53
CA LEU A 663 4.70 -7.95 -18.80
C LEU A 663 4.33 -8.01 -20.26
N GLY A 664 4.23 -6.85 -20.91
CA GLY A 664 3.84 -6.82 -22.32
C GLY A 664 2.40 -6.40 -22.55
N PRO A 665 2.15 -5.67 -23.63
CA PRO A 665 0.81 -5.12 -23.95
C PRO A 665 -0.29 -6.21 -24.07
N GLN A 666 0.02 -7.34 -24.68
CA GLN A 666 -0.96 -8.41 -24.84
C GLN A 666 -1.36 -9.02 -23.51
N TYR A 667 -0.36 -9.39 -22.70
CA TYR A 667 -0.62 -10.03 -21.41
C TYR A 667 -1.39 -9.08 -20.48
N VAL A 668 -1.05 -7.81 -20.49
CA VAL A 668 -1.74 -6.86 -19.62
C VAL A 668 -3.19 -6.72 -20.04
N ALA A 669 -3.41 -6.73 -21.35
CA ALA A 669 -4.78 -6.64 -21.87
C ALA A 669 -5.57 -7.82 -21.37
N GLY A 670 -4.93 -8.98 -21.42
CA GLY A 670 -5.56 -10.21 -20.99
C GLY A 670 -6.01 -10.17 -19.56
N ILE A 671 -5.15 -9.72 -18.64
CA ILE A 671 -5.53 -9.71 -17.23
C ILE A 671 -6.57 -8.65 -16.99
N THR A 672 -6.44 -7.51 -17.65
CA THR A 672 -7.37 -6.43 -17.46
C THR A 672 -8.78 -6.90 -17.76
N ASN A 673 -8.92 -7.69 -18.81
CA ASN A 673 -10.21 -8.21 -19.20
C ASN A 673 -10.77 -9.15 -18.15
N LEU A 674 -9.94 -10.08 -17.68
CA LEU A 674 -10.34 -11.02 -16.63
C LEU A 674 -10.79 -10.34 -15.34
N LYS A 675 -10.20 -9.18 -15.10
CA LYS A 675 -10.48 -8.39 -13.90
C LYS A 675 -11.84 -7.73 -13.86
N LYS A 676 -12.50 -7.65 -15.02
CA LYS A 676 -13.84 -7.05 -15.12
C LYS A 676 -14.86 -7.95 -14.44
N CYS A 677 -14.54 -9.23 -14.35
CA CYS A 677 -15.41 -10.22 -13.70
C CYS A 677 -15.32 -10.14 -12.17
N SER A 678 -14.30 -9.48 -11.66
CA SER A 678 -14.10 -9.38 -10.21
C SER A 678 -12.71 -8.81 -9.91
N THR A 679 -12.58 -8.09 -8.82
CA THR A 679 -11.27 -7.56 -8.45
C THR A 679 -11.02 -7.86 -7.00
N SER A 680 -9.75 -7.86 -6.62
CA SER A 680 -9.39 -8.11 -5.24
C SER A 680 -9.59 -6.82 -4.43
N PRO A 681 -9.69 -6.93 -3.13
CA PRO A 681 -9.80 -5.74 -2.29
C PRO A 681 -8.57 -4.87 -2.37
N LEU A 682 -7.41 -5.50 -2.51
CA LEU A 682 -6.15 -4.79 -2.68
C LEU A 682 -6.16 -3.95 -3.94
N LEU A 683 -6.63 -4.54 -5.02
CA LEU A 683 -6.70 -3.84 -6.29
C LEU A 683 -7.62 -2.62 -6.14
N GLU A 684 -8.68 -2.78 -5.35
CA GLU A 684 -9.61 -1.69 -5.10
C GLU A 684 -8.94 -0.61 -4.25
N ALA A 685 -8.10 -1.06 -3.32
CA ALA A 685 -7.41 -0.13 -2.43
C ALA A 685 -6.45 0.73 -3.23
N CYS A 686 -5.69 0.09 -4.10
CA CYS A 686 -4.71 0.80 -4.88
C CYS A 686 -5.32 1.69 -5.93
N GLU A 687 -6.51 1.41 -6.40
CA GLU A 687 -7.12 2.31 -7.39
C GLU A 687 -7.41 3.63 -6.69
N PHE A 688 -7.82 3.53 -5.43
CA PHE A 688 -8.13 4.68 -4.61
C PHE A 688 -6.92 5.51 -4.25
N LEU A 689 -5.81 4.88 -3.91
CA LEU A 689 -4.59 5.61 -3.50
C LEU A 689 -3.87 6.26 -4.66
N ARG A 690 -4.09 5.77 -5.86
CA ARG A 690 -3.43 6.31 -7.05
C ARG A 690 -4.19 7.49 -7.68
N LYS A 691 -5.49 7.58 -7.42
CA LYS A 691 -6.31 8.67 -7.95
C LYS A 691 -5.70 10.02 -7.59
#